data_9D7V
#
_entry.id   9D7V
#
_cell.length_a   1.00
_cell.length_b   1.00
_cell.length_c   1.00
_cell.angle_alpha   90.00
_cell.angle_beta   90.00
_cell.angle_gamma   90.00
#
_symmetry.space_group_name_H-M   'P 1'
#
loop_
_entity.id
_entity.type
_entity.pdbx_description
1 polymer 'Green fluorescence protein,MFS-type transporter SLC18B1,membrane protein spd'
2 non-polymer SPERMIDINE
3 water water
#
_entity_poly.entity_id   1
_entity_poly.type   'polypeptide(L)'
_entity_poly.pdbx_seq_one_letter_code
;VSKGEELFTGVVPILVELDGDVNGHKFSVSGEGEGDATYGKLTLKLICTTGKLPVPWPTLVTTLGYGLQCFARYPDHMKQ
HDFFKSAMPEGYVQERTIFFKDDGNYKTRAEVKFEGDTLVNRIELKGIDFKEDGNILGHKLEYNYNSHNVYITADKQKNG
IKANFKIRHNIEDGGVQLADHYQQNTPIGDGPVLLPDNHYLSYQSKLSKDPNEKRDHMVLLEFVTAAGITTPGWLSREQV
FVLISAASVNLGSMMCYSILGPFFPKEAEKKGASNTIIGMIFGCFALFELLASLVFGNYLVHIGAKFMFVAGMFVSGGVT
ILFGVLDRVPDGPVFIAMCFLVRVMDAVSFAAAMTASSSILAKAFPNNVATVLGSLETFSGLGLILGPPVGGFLYQSFGY
EVPFIVLGCVVLLMVPLNMYILPNYESDPGEHSFWKLIALPKVGLIAFVINSLSSCFGFLDPTLSLFVLEKFNLPAGYVG
LVFLGMALSYAISSPLFGLLSDKRPPLRKWLLVFGNLITAGCYMLLGPVPILHIKSQLWLLVLILVVSGLSAGMSIIPTF
PEILSCAHENGFEEGLSTLGLVSGLFSAMWSIGAFMGPTLGGFLYEKIGFEWAAAIQGLWALISGLAMGLFYLLEYSQVQ
LVESGGALVQPGGSLRLSCAASGFPVNRYSMRWYRQAPGKEREWVAGMSSAGDRSSYEDSVKGRFTISRDDARNTVYLQM
NSLKPEDTAVYYCNVNVGFEYWGQGTQVTVS
;
_entity_poly.pdbx_strand_id   A
#
loop_
_chem_comp.id
_chem_comp.type
_chem_comp.name
_chem_comp.formula
SPD non-polymer SPERMIDINE 'C7 H19 N3'
#
# COMPACT_ATOMS: atom_id res chain seq x y z
N VAL A 1 -14.64 23.74 2.25
CA VAL A 1 -15.20 22.89 1.19
C VAL A 1 -15.80 23.75 0.09
N SER A 2 -15.08 23.88 -1.02
CA SER A 2 -15.55 24.69 -2.13
C SER A 2 -16.47 23.88 -3.05
N LYS A 3 -17.05 24.59 -4.03
CA LYS A 3 -17.98 23.96 -4.96
C LYS A 3 -17.29 23.02 -5.94
N GLY A 4 -16.09 23.38 -6.41
CA GLY A 4 -15.42 22.66 -7.49
C GLY A 4 -14.86 21.30 -7.16
N GLU A 5 -14.94 20.86 -5.91
CA GLU A 5 -14.42 19.55 -5.55
C GLU A 5 -15.32 18.43 -6.07
N GLU A 6 -16.61 18.70 -6.24
CA GLU A 6 -17.54 17.66 -6.69
C GLU A 6 -17.34 17.28 -8.15
N LEU A 7 -16.87 18.22 -8.97
CA LEU A 7 -16.69 17.95 -10.39
C LEU A 7 -15.40 17.19 -10.70
N PHE A 8 -14.54 16.96 -9.72
CA PHE A 8 -13.25 16.33 -9.94
C PHE A 8 -13.20 14.87 -9.51
N THR A 9 -14.30 14.32 -9.02
CA THR A 9 -14.33 12.92 -8.60
C THR A 9 -14.46 12.05 -9.85
N GLY A 10 -13.33 11.68 -10.44
CA GLY A 10 -13.34 10.87 -11.64
C GLY A 10 -12.31 11.30 -12.66
N VAL A 11 -12.10 10.46 -13.68
CA VAL A 11 -11.13 10.78 -14.72
C VAL A 11 -11.73 11.82 -15.66
N VAL A 12 -11.04 12.94 -15.83
CA VAL A 12 -11.50 13.99 -16.72
C VAL A 12 -10.46 14.21 -17.82
N PRO A 13 -10.88 14.51 -19.05
CA PRO A 13 -9.91 14.72 -20.12
C PRO A 13 -9.16 16.04 -19.96
N ILE A 14 -8.01 16.12 -20.63
CA ILE A 14 -7.14 17.29 -20.58
C ILE A 14 -6.64 17.57 -21.99
N LEU A 15 -6.43 18.86 -22.28
CA LEU A 15 -5.91 19.31 -23.56
C LEU A 15 -4.97 20.47 -23.30
N VAL A 16 -3.85 20.50 -24.01
CA VAL A 16 -2.77 21.43 -23.74
C VAL A 16 -2.29 22.05 -25.05
N GLU A 17 -1.98 23.34 -25.00
CA GLU A 17 -1.56 24.10 -26.17
C GLU A 17 -0.51 25.12 -25.74
N LEU A 18 0.51 25.32 -26.57
CA LEU A 18 1.61 26.20 -26.25
C LEU A 18 2.14 26.84 -27.53
N ASP A 19 2.34 28.16 -27.48
CA ASP A 19 2.96 28.92 -28.55
C ASP A 19 4.08 29.75 -27.96
N GLY A 20 5.33 29.42 -28.30
CA GLY A 20 6.47 30.04 -27.66
C GLY A 20 7.47 30.57 -28.66
N ASP A 21 8.40 31.37 -28.14
CA ASP A 21 9.43 32.02 -28.95
C ASP A 21 10.70 32.11 -28.12
N VAL A 22 11.80 31.59 -28.68
CA VAL A 22 13.12 31.71 -28.06
C VAL A 22 14.11 32.35 -29.05
N ASN A 23 14.56 33.57 -28.74
CA ASN A 23 15.55 34.33 -29.50
C ASN A 23 15.15 34.53 -30.96
N GLY A 24 13.87 34.82 -31.18
CA GLY A 24 13.34 34.98 -32.52
C GLY A 24 12.96 33.70 -33.21
N HIS A 25 13.13 32.55 -32.56
CA HIS A 25 12.75 31.26 -33.10
C HIS A 25 11.38 30.88 -32.56
N LYS A 26 10.38 30.81 -33.45
CA LYS A 26 9.03 30.48 -33.05
C LYS A 26 8.85 28.97 -33.02
N PHE A 27 8.03 28.50 -32.09
CA PHE A 27 7.67 27.09 -32.02
C PHE A 27 6.30 26.98 -31.36
N SER A 28 5.68 25.81 -31.52
CA SER A 28 4.35 25.57 -30.98
C SER A 28 4.15 24.08 -30.76
N VAL A 29 3.60 23.71 -29.61
CA VAL A 29 3.27 22.32 -29.33
C VAL A 29 1.82 22.23 -28.88
N SER A 30 1.24 21.04 -29.02
CA SER A 30 -0.13 20.79 -28.61
C SER A 30 -0.26 19.33 -28.23
N GLY A 31 -1.32 19.01 -27.49
CA GLY A 31 -1.54 17.62 -27.12
C GLY A 31 -2.80 17.44 -26.31
N GLU A 32 -3.10 16.17 -26.02
CA GLU A 32 -4.26 15.79 -25.22
C GLU A 32 -3.84 14.73 -24.21
N GLY A 33 -4.78 14.33 -23.37
CA GLY A 33 -4.53 13.28 -22.40
C GLY A 33 -5.65 13.17 -21.40
N GLU A 34 -5.35 12.58 -20.24
CA GLU A 34 -6.36 12.40 -19.23
C GLU A 34 -5.77 12.57 -17.83
N GLY A 35 -6.56 13.16 -16.94
CA GLY A 35 -6.12 13.34 -15.57
C GLY A 35 -7.19 13.01 -14.57
N ASP A 36 -6.81 12.33 -13.48
CA ASP A 36 -7.73 11.99 -12.41
C ASP A 36 -7.18 12.59 -11.12
N ALA A 37 -8.03 13.30 -10.39
CA ALA A 37 -7.62 13.97 -9.17
C ALA A 37 -8.07 13.25 -7.91
N THR A 38 -8.77 12.11 -8.04
CA THR A 38 -9.15 11.34 -6.87
C THR A 38 -7.93 10.74 -6.18
N TYR A 39 -6.99 10.21 -6.96
CA TYR A 39 -5.75 9.67 -6.41
C TYR A 39 -4.51 10.31 -7.04
N GLY A 40 -4.68 11.43 -7.73
CA GLY A 40 -3.57 12.24 -8.20
C GLY A 40 -2.71 11.64 -9.30
N LYS A 41 -3.30 11.39 -10.46
CA LYS A 41 -2.58 10.87 -11.61
C LYS A 41 -2.85 11.74 -12.84
N LEU A 42 -1.82 11.92 -13.66
CA LEU A 42 -1.99 12.73 -14.87
C LEU A 42 -1.16 12.14 -16.00
N THR A 43 -1.78 11.93 -17.15
CA THR A 43 -1.12 11.44 -18.35
C THR A 43 -1.27 12.48 -19.45
N LEU A 44 -0.13 12.98 -19.94
CA LEU A 44 -0.07 14.07 -20.91
C LEU A 44 0.75 13.62 -22.10
N LYS A 45 0.18 13.70 -23.29
CA LYS A 45 0.87 13.30 -24.52
C LYS A 45 1.07 14.55 -25.37
N LEU A 46 2.31 15.00 -25.49
CA LEU A 46 2.65 16.18 -26.27
C LEU A 46 3.14 15.77 -27.65
N ILE A 47 2.71 16.52 -28.67
CA ILE A 47 3.21 16.35 -30.03
C ILE A 47 3.60 17.73 -30.54
N CYS A 48 4.85 17.87 -30.98
CA CYS A 48 5.32 19.13 -31.52
C CYS A 48 4.68 19.39 -32.88
N THR A 49 4.16 20.60 -33.08
CA THR A 49 3.42 20.92 -34.28
C THR A 49 4.28 21.46 -35.40
N THR A 50 5.34 22.21 -35.08
CA THR A 50 6.20 22.77 -36.11
C THR A 50 7.25 21.79 -36.62
N GLY A 51 7.35 20.60 -36.02
CA GLY A 51 8.21 19.54 -36.50
C GLY A 51 9.56 19.44 -35.84
N LYS A 52 10.02 20.51 -35.18
CA LYS A 52 11.31 20.48 -34.51
C LYS A 52 11.28 21.45 -33.33
N LEU A 53 12.09 21.15 -32.31
CA LEU A 53 12.13 21.95 -31.11
C LEU A 53 13.54 22.47 -30.89
N PRO A 54 13.74 23.79 -30.82
CA PRO A 54 15.07 24.32 -30.50
C PRO A 54 15.45 24.20 -29.04
N VAL A 55 14.52 23.83 -28.16
CA VAL A 55 14.80 23.71 -26.73
C VAL A 55 14.57 22.26 -26.33
N PRO A 56 15.24 21.79 -25.27
CA PRO A 56 14.97 20.44 -24.77
C PRO A 56 13.60 20.34 -24.11
N TRP A 57 13.06 19.12 -24.13
CA TRP A 57 11.77 18.84 -23.51
C TRP A 57 11.70 19.04 -22.00
N PRO A 58 12.68 18.64 -21.16
CA PRO A 58 12.51 18.90 -19.71
C PRO A 58 12.50 20.36 -19.30
N THR A 59 12.96 21.27 -20.15
CA THR A 59 12.85 22.70 -19.84
C THR A 59 11.40 23.18 -19.92
N LEU A 60 10.57 22.50 -20.70
CA LEU A 60 9.18 22.89 -20.88
C LEU A 60 8.20 22.02 -20.10
N VAL A 61 8.68 21.02 -19.37
CA VAL A 61 7.79 20.20 -18.55
C VAL A 61 7.21 21.03 -17.40
N THR A 62 8.00 21.95 -16.86
CA THR A 62 7.54 22.81 -15.77
C THR A 62 6.55 23.87 -16.21
N THR A 63 6.34 24.05 -17.52
CA THR A 63 5.28 24.92 -17.99
C THR A 63 4.06 24.14 -18.45
N LEU A 64 4.23 22.90 -18.91
CA LEU A 64 3.12 22.10 -19.43
C LEU A 64 2.49 21.24 -18.34
N GLY A 65 3.28 20.33 -17.76
CA GLY A 65 2.76 19.40 -16.77
C GLY A 65 2.59 20.03 -15.40
N TYR A 66 3.50 20.95 -15.05
CA TYR A 66 3.40 21.68 -13.80
C TYR A 66 2.39 22.81 -13.87
N GLY A 67 1.86 23.11 -15.06
CA GLY A 67 0.76 24.04 -15.18
C GLY A 67 -0.60 23.46 -14.86
N LEU A 68 -0.67 22.15 -14.65
CA LEU A 68 -1.91 21.49 -14.28
C LEU A 68 -1.92 21.25 -12.77
N GLN A 69 -2.12 22.34 -12.05
CA GLN A 69 -2.18 22.36 -10.59
C GLN A 69 -3.47 21.79 -10.04
N CYS A 70 -4.53 21.69 -10.84
CA CYS A 70 -5.85 21.34 -10.33
C CYS A 70 -6.04 19.84 -10.12
N PHE A 71 -5.11 19.00 -10.56
CA PHE A 71 -5.21 17.57 -10.36
C PHE A 71 -4.46 17.10 -9.12
N ALA A 72 -4.37 17.96 -8.11
CA ALA A 72 -3.66 17.62 -6.89
C ALA A 72 -4.49 16.68 -6.01
N ARG A 73 -3.80 15.78 -5.32
CA ARG A 73 -4.43 14.83 -4.42
C ARG A 73 -4.33 15.40 -3.00
N TYR A 74 -5.37 16.11 -2.57
CA TYR A 74 -5.41 16.66 -1.24
C TYR A 74 -6.04 15.65 -0.29
N PRO A 75 -5.51 15.47 0.92
CA PRO A 75 -6.13 14.53 1.87
C PRO A 75 -7.40 15.10 2.49
N ASP A 76 -7.94 14.37 3.47
CA ASP A 76 -9.17 14.80 4.14
C ASP A 76 -8.95 16.04 4.98
N HIS A 77 -7.71 16.25 5.45
CA HIS A 77 -7.44 17.37 6.35
C HIS A 77 -7.40 18.70 5.60
N MET A 78 -6.78 18.71 4.41
CA MET A 78 -6.60 19.95 3.64
C MET A 78 -7.56 20.06 2.47
N LYS A 79 -8.82 19.65 2.64
CA LYS A 79 -9.83 20.00 1.64
C LYS A 79 -10.15 21.49 1.67
N GLN A 80 -9.95 22.14 2.81
CA GLN A 80 -10.21 23.57 2.93
C GLN A 80 -9.06 24.42 2.41
N HIS A 81 -7.84 23.89 2.42
CA HIS A 81 -6.67 24.61 1.90
C HIS A 81 -6.37 24.21 0.45
N ASP A 82 -7.35 24.46 -0.43
CA ASP A 82 -7.24 24.05 -1.83
C ASP A 82 -7.73 25.21 -2.68
N PHE A 83 -6.78 25.95 -3.27
CA PHE A 83 -7.10 27.13 -4.06
C PHE A 83 -7.41 26.81 -5.52
N PHE A 84 -6.86 25.71 -6.04
CA PHE A 84 -6.94 25.44 -7.47
C PHE A 84 -8.36 25.09 -7.90
N LYS A 85 -9.01 24.18 -7.19
CA LYS A 85 -10.39 23.83 -7.50
C LYS A 85 -11.41 24.70 -6.79
N SER A 86 -10.96 25.77 -6.12
CA SER A 86 -11.87 26.59 -5.33
C SER A 86 -12.81 27.39 -6.23
N ALA A 87 -12.28 27.98 -7.31
CA ALA A 87 -13.09 28.46 -8.43
C ALA A 87 -12.45 27.90 -9.69
N MET A 88 -12.74 26.64 -9.98
CA MET A 88 -12.16 25.96 -11.14
C MET A 88 -12.90 26.17 -12.47
N PRO A 89 -14.29 26.06 -12.57
CA PRO A 89 -14.93 26.22 -13.89
C PRO A 89 -14.74 27.56 -14.56
N GLU A 90 -14.47 28.61 -13.78
CA GLU A 90 -14.13 29.90 -14.37
C GLU A 90 -12.75 29.87 -15.00
N GLY A 91 -11.80 29.18 -14.38
CA GLY A 91 -10.43 29.14 -14.86
C GLY A 91 -9.54 30.10 -14.10
N TYR A 92 -8.24 30.03 -14.39
CA TYR A 92 -7.29 30.89 -13.69
C TYR A 92 -6.05 31.11 -14.54
N VAL A 93 -5.27 32.11 -14.15
CA VAL A 93 -4.11 32.58 -14.89
C VAL A 93 -2.86 32.24 -14.13
N GLN A 94 -1.90 31.61 -14.82
CA GLN A 94 -0.56 31.39 -14.29
C GLN A 94 0.39 32.35 -15.00
N GLU A 95 1.02 33.23 -14.25
CA GLU A 95 2.06 34.08 -14.81
C GLU A 95 3.37 33.68 -14.12
N ARG A 96 4.32 33.21 -14.90
CA ARG A 96 5.53 32.59 -14.40
C ARG A 96 6.76 33.31 -14.94
N THR A 97 7.77 33.46 -14.10
CA THR A 97 9.10 33.78 -14.58
C THR A 97 10.03 32.62 -14.20
N ILE A 98 10.84 32.20 -15.16
CA ILE A 98 11.64 30.99 -15.07
C ILE A 98 13.08 31.39 -15.31
N PHE A 99 13.86 31.45 -14.23
CA PHE A 99 15.24 31.92 -14.28
C PHE A 99 16.17 30.71 -14.38
N PHE A 100 16.96 30.66 -15.43
CA PHE A 100 17.99 29.63 -15.58
C PHE A 100 19.31 30.19 -15.09
N LYS A 101 20.07 29.38 -14.37
CA LYS A 101 21.40 29.78 -13.93
C LYS A 101 22.32 29.90 -15.14
N ASP A 102 23.07 31.01 -15.19
CA ASP A 102 23.99 31.51 -16.24
C ASP A 102 23.53 31.20 -17.68
N ASP A 103 22.22 31.35 -17.92
CA ASP A 103 21.58 31.18 -19.21
C ASP A 103 20.53 32.29 -19.36
N GLY A 104 19.59 32.10 -20.27
CA GLY A 104 18.55 33.07 -20.51
C GLY A 104 17.40 32.94 -19.52
N ASN A 105 16.30 33.60 -19.89
CA ASN A 105 15.14 33.73 -19.01
C ASN A 105 13.88 33.41 -19.81
N TYR A 106 12.89 32.81 -19.11
CA TYR A 106 11.59 32.53 -19.70
C TYR A 106 10.52 33.36 -19.01
N LYS A 107 9.62 33.93 -19.80
CA LYS A 107 8.38 34.53 -19.32
C LYS A 107 7.21 33.71 -19.85
N THR A 108 6.32 33.30 -18.95
CA THR A 108 5.23 32.38 -19.25
C THR A 108 3.91 33.01 -18.85
N ARG A 109 2.93 32.97 -19.77
CA ARG A 109 1.59 33.46 -19.51
C ARG A 109 0.60 32.39 -19.94
N ALA A 110 -0.12 31.81 -18.98
CA ALA A 110 -0.98 30.66 -19.24
C ALA A 110 -2.39 30.91 -18.74
N GLU A 111 -3.36 30.50 -19.55
CA GLU A 111 -4.78 30.61 -19.24
C GLU A 111 -5.35 29.20 -19.10
N VAL A 112 -6.11 28.96 -18.03
CA VAL A 112 -6.75 27.67 -17.81
C VAL A 112 -8.26 27.88 -17.80
N LYS A 113 -8.96 27.24 -18.73
CA LYS A 113 -10.40 27.38 -18.87
C LYS A 113 -11.05 26.00 -18.93
N PHE A 114 -12.28 25.92 -18.42
CA PHE A 114 -13.00 24.65 -18.26
C PHE A 114 -14.21 24.67 -19.18
N GLU A 115 -14.07 24.11 -20.37
CA GLU A 115 -15.12 24.15 -21.38
C GLU A 115 -15.66 22.75 -21.58
N GLY A 116 -16.96 22.57 -21.30
CA GLY A 116 -17.54 21.25 -21.32
C GLY A 116 -16.93 20.39 -20.23
N ASP A 117 -16.37 19.26 -20.62
CA ASP A 117 -15.56 18.44 -19.73
C ASP A 117 -14.07 18.62 -20.00
N THR A 118 -13.72 19.35 -21.06
CA THR A 118 -12.32 19.51 -21.45
C THR A 118 -11.75 20.75 -20.79
N LEU A 119 -10.62 20.57 -20.11
CA LEU A 119 -9.87 21.68 -19.55
C LEU A 119 -8.73 22.04 -20.51
N VAL A 120 -8.74 23.28 -20.98
CA VAL A 120 -7.78 23.75 -21.97
C VAL A 120 -6.93 24.84 -21.32
N ASN A 121 -5.62 24.64 -21.33
CA ASN A 121 -4.68 25.69 -20.96
C ASN A 121 -3.88 26.14 -22.19
N ARG A 122 -3.82 27.45 -22.37
CA ARG A 122 -3.10 28.05 -23.49
C ARG A 122 -1.92 28.85 -22.94
N ILE A 123 -0.73 28.58 -23.48
CA ILE A 123 0.51 29.06 -22.90
C ILE A 123 1.27 29.88 -23.92
N GLU A 124 1.73 31.06 -23.50
CA GLU A 124 2.58 31.92 -24.31
C GLU A 124 3.94 32.03 -23.62
N LEU A 125 5.00 31.77 -24.37
CA LEU A 125 6.36 31.78 -23.85
C LEU A 125 7.19 32.85 -24.55
N LYS A 126 8.16 33.40 -23.81
CA LYS A 126 9.17 34.29 -24.38
C LYS A 126 10.49 34.01 -23.72
N GLY A 127 11.50 33.64 -24.51
CA GLY A 127 12.82 33.31 -24.00
C GLY A 127 13.84 34.31 -24.48
N ILE A 128 14.80 34.63 -23.61
CA ILE A 128 15.78 35.68 -23.89
C ILE A 128 17.17 35.22 -23.47
N ASP A 129 18.17 35.59 -24.30
CA ASP A 129 19.61 35.51 -24.04
C ASP A 129 20.10 34.10 -23.70
N PHE A 130 19.52 33.11 -24.37
CA PHE A 130 20.07 31.75 -24.35
C PHE A 130 21.40 31.72 -25.07
N LYS A 131 22.41 31.14 -24.43
CA LYS A 131 23.73 31.02 -25.05
C LYS A 131 23.72 29.89 -26.06
N GLU A 132 24.42 30.11 -27.19
CA GLU A 132 24.45 29.11 -28.26
C GLU A 132 25.24 27.88 -27.85
N ASP A 133 26.34 28.07 -27.12
CA ASP A 133 27.16 26.97 -26.65
C ASP A 133 26.79 26.51 -25.25
N GLY A 134 25.68 27.01 -24.70
CA GLY A 134 25.28 26.66 -23.36
C GLY A 134 24.60 25.30 -23.28
N ASN A 135 24.01 25.04 -22.12
CA ASN A 135 23.38 23.75 -21.89
C ASN A 135 22.03 23.66 -22.60
N ILE A 136 21.32 24.77 -22.73
CA ILE A 136 19.96 24.73 -23.25
C ILE A 136 19.97 24.58 -24.77
N LEU A 137 20.64 25.50 -25.47
CA LEU A 137 20.69 25.40 -26.92
C LEU A 137 21.63 24.30 -27.38
N GLY A 138 22.61 23.94 -26.56
CA GLY A 138 23.52 22.86 -26.89
C GLY A 138 22.97 21.47 -26.72
N HIS A 139 21.76 21.36 -26.13
CA HIS A 139 21.03 20.09 -25.94
C HIS A 139 21.85 19.06 -25.14
N LYS A 140 22.48 19.53 -24.08
CA LYS A 140 23.33 18.68 -23.25
C LYS A 140 22.58 18.05 -22.08
N LEU A 141 21.25 18.03 -22.13
CA LEU A 141 20.45 17.49 -21.03
C LEU A 141 20.01 16.07 -21.34
N GLU A 142 20.03 15.22 -20.31
CA GLU A 142 19.54 13.85 -20.43
C GLU A 142 18.02 13.84 -20.57
N TYR A 143 17.51 12.71 -21.05
CA TYR A 143 16.07 12.52 -21.23
C TYR A 143 15.51 11.90 -19.94
N ASN A 144 15.52 12.70 -18.88
CA ASN A 144 15.00 12.28 -17.59
C ASN A 144 14.55 13.53 -16.83
N TYR A 145 13.67 13.33 -15.86
CA TYR A 145 13.16 14.43 -15.06
C TYR A 145 12.82 13.89 -13.68
N ASN A 146 13.02 14.72 -12.66
CA ASN A 146 13.10 14.24 -11.29
C ASN A 146 12.07 14.90 -10.38
N SER A 147 11.98 14.39 -9.15
CA SER A 147 10.97 14.79 -8.18
C SER A 147 11.26 16.19 -7.64
N HIS A 148 10.22 16.82 -7.08
CA HIS A 148 10.44 18.13 -6.45
C HIS A 148 9.35 18.37 -5.40
N ASN A 149 9.64 19.30 -4.49
CA ASN A 149 8.67 19.86 -3.56
C ASN A 149 8.38 21.31 -3.96
N VAL A 150 7.10 21.68 -4.02
CA VAL A 150 6.67 23.01 -4.43
C VAL A 150 5.96 23.67 -3.26
N TYR A 151 6.46 24.83 -2.83
CA TYR A 151 5.95 25.50 -1.64
C TYR A 151 4.97 26.61 -2.03
N ILE A 152 3.83 26.66 -1.36
CA ILE A 152 2.71 27.52 -1.74
C ILE A 152 2.45 28.53 -0.62
N THR A 153 2.35 29.80 -0.98
CA THR A 153 1.89 30.83 -0.06
C THR A 153 0.74 31.61 -0.70
N ALA A 154 -0.03 32.31 0.13
CA ALA A 154 -1.25 32.97 -0.32
C ALA A 154 -1.03 34.47 -0.52
N ASP A 155 -2.01 35.11 -1.16
CA ASP A 155 -1.98 36.56 -1.37
C ASP A 155 -3.39 37.09 -1.43
N LYS A 156 -3.69 38.07 -0.58
CA LYS A 156 -5.02 38.65 -0.46
C LYS A 156 -5.23 39.83 -1.40
N GLN A 157 -4.16 40.55 -1.75
CA GLN A 157 -4.28 41.76 -2.57
C GLN A 157 -4.73 41.42 -3.99
N LYS A 158 -4.16 40.38 -4.59
CA LYS A 158 -4.65 39.87 -5.86
C LYS A 158 -5.60 38.69 -5.69
N ASN A 159 -5.94 38.35 -4.43
CA ASN A 159 -6.81 37.24 -4.01
C ASN A 159 -6.40 35.88 -4.61
N GLY A 160 -5.10 35.74 -4.91
CA GLY A 160 -4.60 34.52 -5.51
C GLY A 160 -3.50 33.90 -4.69
N ILE A 161 -2.59 33.16 -5.32
CA ILE A 161 -1.48 32.58 -4.56
C ILE A 161 -0.16 32.87 -5.26
N LYS A 162 0.92 32.74 -4.50
CA LYS A 162 2.29 32.97 -4.92
C LYS A 162 3.10 31.72 -4.62
N ALA A 163 4.09 31.43 -5.46
CA ALA A 163 4.97 30.31 -5.15
C ALA A 163 6.35 30.52 -5.72
N ASN A 164 7.34 29.95 -5.03
CA ASN A 164 8.73 29.93 -5.47
C ASN A 164 9.36 28.57 -5.23
N PHE A 165 10.04 28.05 -6.26
CA PHE A 165 10.66 26.72 -6.15
C PHE A 165 11.77 26.59 -7.18
N LYS A 166 12.55 25.51 -7.06
CA LYS A 166 13.78 25.35 -7.85
C LYS A 166 13.93 23.91 -8.32
N ILE A 167 13.86 23.69 -9.62
CA ILE A 167 14.03 22.34 -10.16
C ILE A 167 15.48 22.16 -10.60
N ARG A 168 15.86 20.89 -10.74
CA ARG A 168 17.21 20.50 -11.12
C ARG A 168 17.14 19.62 -12.36
N HIS A 169 17.98 19.92 -13.34
CA HIS A 169 18.06 19.19 -14.61
C HIS A 169 19.38 18.44 -14.68
N ASN A 170 19.32 17.19 -15.12
CA ASN A 170 20.50 16.36 -15.25
C ASN A 170 21.21 16.64 -16.58
N ILE A 171 22.52 16.83 -16.51
CA ILE A 171 23.33 17.15 -17.68
C ILE A 171 24.07 15.89 -18.12
N GLU A 172 24.26 15.76 -19.44
CA GLU A 172 24.95 14.59 -20.00
C GLU A 172 26.39 14.49 -19.52
N ASP A 173 27.05 15.63 -19.32
CA ASP A 173 28.41 15.63 -18.79
C ASP A 173 28.44 15.15 -17.34
N GLY A 174 27.40 15.48 -16.57
CA GLY A 174 27.32 15.01 -15.21
C GLY A 174 26.81 16.06 -14.23
N GLY A 175 26.84 17.33 -14.64
CA GLY A 175 26.48 18.42 -13.77
C GLY A 175 24.98 18.56 -13.60
N VAL A 176 24.60 19.64 -12.92
CA VAL A 176 23.21 19.94 -12.61
C VAL A 176 22.91 21.36 -13.06
N GLN A 177 21.81 21.53 -13.80
CA GLN A 177 21.33 22.84 -14.19
C GLN A 177 20.17 23.23 -13.27
N LEU A 178 20.30 24.38 -12.61
CA LEU A 178 19.33 24.83 -11.63
C LEU A 178 18.38 25.85 -12.24
N ALA A 179 17.09 25.70 -11.98
CA ALA A 179 16.08 26.61 -12.50
C ALA A 179 15.18 27.10 -11.37
N ASP A 180 15.12 28.42 -11.19
CA ASP A 180 14.32 29.04 -10.15
C ASP A 180 13.03 29.60 -10.76
N HIS A 181 11.89 29.19 -10.21
CA HIS A 181 10.59 29.51 -10.76
C HIS A 181 9.82 30.35 -9.76
N TYR A 182 9.30 31.48 -10.23
CA TYR A 182 8.40 32.33 -9.45
C TYR A 182 7.06 32.36 -10.18
N GLN A 183 6.01 31.84 -9.56
CA GLN A 183 4.70 31.85 -10.18
C GLN A 183 3.70 32.67 -9.38
N GLN A 184 2.78 33.29 -10.11
CA GLN A 184 1.66 34.05 -9.59
C GLN A 184 0.40 33.45 -10.19
N ASN A 185 -0.52 33.00 -9.34
CA ASN A 185 -1.76 32.40 -9.78
C ASN A 185 -2.90 33.33 -9.39
N THR A 186 -3.65 33.79 -10.41
CA THR A 186 -4.76 34.71 -10.17
C THR A 186 -6.07 34.13 -10.70
N PRO A 187 -7.17 34.24 -9.94
CA PRO A 187 -8.45 33.74 -10.43
C PRO A 187 -9.25 34.81 -11.19
N ILE A 188 -9.85 34.38 -12.30
CA ILE A 188 -10.65 35.31 -13.09
C ILE A 188 -12.14 35.24 -12.75
N GLY A 189 -12.55 34.29 -11.92
CA GLY A 189 -13.93 34.24 -11.49
C GLY A 189 -14.26 35.28 -10.45
N ASP A 190 -15.56 35.58 -10.34
CA ASP A 190 -16.04 36.55 -9.36
C ASP A 190 -16.71 35.87 -8.17
N GLY A 191 -16.60 34.55 -8.07
CA GLY A 191 -17.10 33.83 -6.92
C GLY A 191 -16.08 33.81 -5.80
N PRO A 192 -16.35 33.05 -4.75
CA PRO A 192 -15.39 32.96 -3.65
C PRO A 192 -14.25 32.01 -3.95
N VAL A 193 -13.04 32.41 -3.57
CA VAL A 193 -11.85 31.59 -3.72
C VAL A 193 -11.29 31.29 -2.34
N LEU A 194 -10.54 30.19 -2.25
CA LEU A 194 -9.98 29.76 -0.98
C LEU A 194 -8.53 30.22 -0.89
N LEU A 195 -8.22 30.98 0.16
CA LEU A 195 -6.85 31.40 0.42
C LEU A 195 -6.25 30.46 1.46
N PRO A 196 -5.27 29.64 1.11
CA PRO A 196 -4.78 28.63 2.06
C PRO A 196 -3.63 29.12 2.92
N ASP A 197 -3.17 28.27 3.83
CA ASP A 197 -1.95 28.51 4.58
C ASP A 197 -0.76 27.89 3.85
N ASN A 198 0.40 27.96 4.49
CA ASN A 198 1.63 27.47 3.86
C ASN A 198 1.66 25.96 3.85
N HIS A 199 1.95 25.38 2.68
CA HIS A 199 2.00 23.94 2.49
C HIS A 199 2.88 23.65 1.28
N TYR A 200 3.04 22.36 0.95
CA TYR A 200 3.84 22.00 -0.21
C TYR A 200 3.20 20.84 -0.95
N LEU A 201 3.63 20.67 -2.19
CA LEU A 201 3.19 19.61 -3.08
C LEU A 201 4.39 18.84 -3.57
N SER A 202 4.40 17.53 -3.31
CA SER A 202 5.41 16.64 -3.84
C SER A 202 5.00 16.19 -5.23
N TYR A 203 5.87 16.44 -6.21
CA TYR A 203 5.67 16.08 -7.59
C TYR A 203 6.63 14.94 -7.95
N GLN A 204 6.07 13.85 -8.45
CA GLN A 204 6.81 12.70 -8.95
C GLN A 204 6.52 12.56 -10.43
N SER A 205 7.55 12.36 -11.25
CA SER A 205 7.41 12.44 -12.69
C SER A 205 7.99 11.21 -13.37
N LYS A 206 7.48 10.94 -14.57
CA LYS A 206 7.97 9.86 -15.42
C LYS A 206 7.91 10.31 -16.87
N LEU A 207 9.03 10.20 -17.57
CA LEU A 207 9.11 10.54 -18.99
C LEU A 207 9.11 9.27 -19.82
N SER A 208 8.40 9.31 -20.95
CA SER A 208 8.33 8.14 -21.83
C SER A 208 8.20 8.60 -23.28
N LYS A 209 8.47 7.68 -24.19
CA LYS A 209 8.35 7.91 -25.62
C LYS A 209 7.54 6.79 -26.26
N ASP A 210 6.64 7.17 -27.15
CA ASP A 210 5.83 6.20 -27.88
C ASP A 210 6.69 5.43 -28.88
N PRO A 211 6.46 4.12 -29.05
CA PRO A 211 7.27 3.37 -30.02
C PRO A 211 6.89 3.65 -31.47
N ASN A 212 5.63 3.98 -31.74
CA ASN A 212 5.13 4.12 -33.10
C ASN A 212 5.15 5.56 -33.59
N GLU A 213 5.05 6.53 -32.68
CA GLU A 213 5.02 7.94 -33.08
C GLU A 213 6.39 8.39 -33.57
N LYS A 214 6.43 9.01 -34.75
CA LYS A 214 7.68 9.39 -35.39
C LYS A 214 8.04 10.85 -35.15
N ARG A 215 7.07 11.76 -35.29
CA ARG A 215 7.31 13.18 -35.06
C ARG A 215 7.55 13.42 -33.57
N ASP A 216 8.29 14.50 -33.27
CA ASP A 216 8.89 14.76 -31.96
C ASP A 216 7.82 14.87 -30.88
N HIS A 217 7.86 13.94 -29.94
CA HIS A 217 6.79 13.70 -28.98
C HIS A 217 7.39 13.41 -27.61
N MET A 218 6.53 13.37 -26.60
CA MET A 218 6.93 13.21 -25.22
C MET A 218 5.71 12.82 -24.39
N VAL A 219 5.89 11.87 -23.49
CA VAL A 219 4.81 11.33 -22.66
C VAL A 219 5.13 11.62 -21.20
N LEU A 220 4.22 12.31 -20.52
CA LEU A 220 4.36 12.72 -19.12
C LEU A 220 3.42 11.90 -18.26
N LEU A 221 3.97 11.27 -17.23
CA LEU A 221 3.19 10.67 -16.16
C LEU A 221 3.51 11.44 -14.88
N GLU A 222 2.45 11.96 -14.23
CA GLU A 222 2.64 12.84 -13.09
C GLU A 222 1.83 12.33 -11.91
N PHE A 223 2.48 12.25 -10.74
CA PHE A 223 1.83 11.99 -9.46
C PHE A 223 2.04 13.20 -8.55
N VAL A 224 0.95 13.65 -7.93
CA VAL A 224 0.95 14.84 -7.08
C VAL A 224 0.43 14.44 -5.72
N THR A 225 1.18 14.79 -4.66
CA THR A 225 0.72 14.59 -3.29
C THR A 225 0.82 15.92 -2.57
N ALA A 226 -0.18 16.25 -1.75
CA ALA A 226 -0.19 17.50 -1.02
C ALA A 226 0.01 17.25 0.46
N ALA A 227 0.90 18.03 1.08
CA ALA A 227 1.18 17.91 2.51
C ALA A 227 1.69 19.25 3.00
N GLY A 228 2.27 19.27 4.20
CA GLY A 228 2.91 20.48 4.67
C GLY A 228 2.64 20.85 6.11
N ILE A 229 1.45 20.56 6.61
CA ILE A 229 1.10 20.86 7.98
C ILE A 229 0.83 19.57 8.74
N THR A 230 1.15 19.61 10.03
CA THR A 230 1.13 18.44 10.89
C THR A 230 -0.31 18.04 11.21
N THR A 231 -0.60 16.75 11.13
CA THR A 231 -1.91 16.24 11.53
C THR A 231 -2.11 16.47 13.03
N PRO A 232 -3.33 16.81 13.46
CA PRO A 232 -3.52 17.20 14.87
C PRO A 232 -3.37 16.06 15.86
N GLY A 233 -3.50 14.80 15.42
CA GLY A 233 -3.43 13.64 16.28
C GLY A 233 -4.78 13.02 16.57
N TRP A 234 -5.82 13.83 16.70
CA TRP A 234 -7.18 13.33 16.81
C TRP A 234 -7.60 12.68 15.49
N LEU A 235 -8.18 11.49 15.58
CA LEU A 235 -8.67 10.81 14.40
C LEU A 235 -9.91 11.52 13.86
N SER A 236 -10.20 11.32 12.58
CA SER A 236 -11.34 11.99 11.97
C SER A 236 -12.65 11.30 12.41
N ARG A 237 -13.77 11.90 12.00
CA ARG A 237 -15.06 11.35 12.34
C ARG A 237 -15.34 10.06 11.57
N GLU A 238 -14.70 9.89 10.41
CA GLU A 238 -14.85 8.65 9.65
C GLU A 238 -14.07 7.51 10.30
N GLN A 239 -12.91 7.82 10.88
CA GLN A 239 -12.03 6.77 11.40
C GLN A 239 -12.57 6.18 12.70
N VAL A 240 -13.22 7.01 13.53
CA VAL A 240 -13.77 6.52 14.79
C VAL A 240 -15.00 5.64 14.53
N PHE A 241 -15.79 5.97 13.51
CA PHE A 241 -17.04 5.26 13.28
C PHE A 241 -16.82 3.87 12.69
N VAL A 242 -15.82 3.72 11.82
CA VAL A 242 -15.52 2.42 11.22
C VAL A 242 -14.95 1.48 12.27
N LEU A 243 -14.12 2.00 13.18
CA LEU A 243 -13.43 1.16 14.16
C LEU A 243 -14.40 0.61 15.20
N ILE A 244 -15.38 1.42 15.60
CA ILE A 244 -16.31 0.95 16.64
C ILE A 244 -17.37 0.03 16.03
N SER A 245 -17.62 0.14 14.73
CA SER A 245 -18.66 -0.67 14.11
C SER A 245 -18.13 -2.01 13.64
N ALA A 246 -16.87 -2.04 13.19
CA ALA A 246 -16.28 -3.29 12.73
C ALA A 246 -15.90 -4.18 13.91
N ALA A 247 -15.63 -3.58 15.08
CA ALA A 247 -15.26 -4.37 16.24
C ALA A 247 -16.46 -5.10 16.82
N SER A 248 -17.65 -4.50 16.73
CA SER A 248 -18.83 -5.09 17.36
C SER A 248 -19.33 -6.30 16.58
N VAL A 249 -19.10 -6.34 15.27
CA VAL A 249 -19.62 -7.45 14.48
C VAL A 249 -18.74 -8.69 14.66
N ASN A 250 -17.45 -8.51 14.97
CA ASN A 250 -16.60 -9.67 15.26
C ASN A 250 -16.81 -10.16 16.69
N LEU A 251 -17.28 -9.28 17.58
CA LEU A 251 -17.57 -9.70 18.94
C LEU A 251 -18.82 -10.57 18.99
N GLY A 252 -19.87 -10.18 18.26
CA GLY A 252 -21.09 -10.96 18.23
C GLY A 252 -20.97 -12.22 17.40
N SER A 253 -20.03 -12.25 16.45
CA SER A 253 -19.81 -13.44 15.65
C SER A 253 -19.20 -14.56 16.47
N MET A 254 -18.15 -14.18 17.26
CA MET A 254 -17.68 -15.21 18.19
C MET A 254 -18.65 -15.41 19.34
N MET A 255 -19.48 -14.60 19.71
CA MET A 255 -20.37 -14.77 20.85
C MET A 255 -21.33 -15.93 20.62
N CYS A 256 -21.95 -15.98 19.44
CA CYS A 256 -22.88 -17.06 19.11
C CYS A 256 -22.17 -18.32 18.62
N TYR A 257 -20.90 -18.22 18.26
CA TYR A 257 -20.14 -19.39 17.83
C TYR A 257 -19.49 -20.11 19.00
N SER A 258 -19.50 -19.52 20.19
CA SER A 258 -18.92 -20.13 21.38
C SER A 258 -19.84 -21.16 22.03
N ILE A 259 -21.02 -21.40 21.46
CA ILE A 259 -21.96 -22.41 21.96
C ILE A 259 -22.16 -23.52 20.93
N LEU A 260 -22.18 -23.18 19.65
CA LEU A 260 -22.33 -24.16 18.58
C LEU A 260 -21.15 -24.17 17.61
N GLY A 261 -19.92 -24.11 18.11
CA GLY A 261 -18.75 -24.14 17.25
C GLY A 261 -18.47 -25.51 16.66
N GLY A 279 -21.07 -36.06 6.22
CA GLY A 279 -20.02 -36.19 5.24
C GLY A 279 -20.25 -35.36 3.99
N MET A 280 -21.46 -35.50 3.42
CA MET A 280 -21.78 -34.74 2.22
C MET A 280 -22.10 -33.28 2.52
N ILE A 281 -22.33 -32.95 3.80
CA ILE A 281 -22.63 -31.57 4.18
C ILE A 281 -21.37 -30.72 4.07
N PHE A 282 -20.22 -31.26 4.50
CA PHE A 282 -18.97 -30.50 4.46
C PHE A 282 -18.48 -30.31 3.03
N GLY A 283 -18.76 -31.27 2.15
CA GLY A 283 -18.50 -31.06 0.74
C GLY A 283 -19.42 -30.01 0.15
N CYS A 284 -20.67 -29.96 0.62
CA CYS A 284 -21.60 -28.93 0.19
C CYS A 284 -21.23 -27.57 0.78
N PHE A 285 -20.72 -27.56 2.02
CA PHE A 285 -20.38 -26.29 2.66
C PHE A 285 -19.15 -25.65 2.01
N ALA A 286 -18.09 -26.44 1.81
CA ALA A 286 -16.79 -25.88 1.47
C ALA A 286 -16.76 -25.36 0.03
N LEU A 287 -17.51 -25.99 -0.87
CA LEU A 287 -17.57 -25.51 -2.25
C LEU A 287 -18.36 -24.20 -2.34
N PHE A 288 -19.48 -24.10 -1.63
CA PHE A 288 -20.30 -22.90 -1.71
C PHE A 288 -19.86 -21.83 -0.72
N GLU A 289 -18.95 -22.17 0.20
CA GLU A 289 -18.26 -21.12 0.94
C GLU A 289 -17.17 -20.48 0.08
N LEU A 290 -16.46 -21.30 -0.69
CA LEU A 290 -15.44 -20.80 -1.60
C LEU A 290 -16.06 -20.03 -2.74
N LEU A 291 -17.22 -20.48 -3.23
CA LEU A 291 -17.89 -19.81 -4.33
C LEU A 291 -18.48 -18.47 -3.89
N ALA A 292 -19.07 -18.42 -2.69
CA ALA A 292 -19.67 -17.17 -2.21
C ALA A 292 -18.59 -16.17 -1.81
N SER A 293 -17.42 -16.65 -1.40
CA SER A 293 -16.33 -15.73 -1.09
C SER A 293 -15.69 -15.17 -2.35
N LEU A 294 -15.81 -15.89 -3.47
CA LEU A 294 -15.11 -15.47 -4.68
C LEU A 294 -15.90 -14.42 -5.46
N VAL A 295 -17.09 -14.79 -5.95
CA VAL A 295 -17.81 -13.93 -6.88
C VAL A 295 -18.38 -12.69 -6.19
N PHE A 296 -18.73 -12.81 -4.91
CA PHE A 296 -19.25 -11.67 -4.17
C PHE A 296 -18.14 -10.70 -3.81
N GLY A 297 -16.89 -11.19 -3.80
CA GLY A 297 -15.74 -10.29 -3.69
C GLY A 297 -15.32 -9.67 -5.01
N ASN A 298 -15.72 -10.26 -6.14
CA ASN A 298 -15.37 -9.70 -7.44
C ASN A 298 -16.17 -8.45 -7.74
N TYR A 299 -17.47 -8.47 -7.43
CA TYR A 299 -18.36 -7.38 -7.79
C TYR A 299 -18.63 -6.49 -6.59
N LEU A 300 -17.58 -6.26 -5.78
CA LEU A 300 -17.68 -5.32 -4.68
C LEU A 300 -17.85 -3.89 -5.16
N VAL A 301 -17.35 -3.59 -6.36
CA VAL A 301 -17.56 -2.27 -6.97
C VAL A 301 -19.01 -2.10 -7.41
N HIS A 302 -19.59 -3.15 -8.00
CA HIS A 302 -20.87 -2.99 -8.67
C HIS A 302 -22.03 -3.01 -7.68
N ILE A 303 -21.88 -3.76 -6.59
CA ILE A 303 -22.95 -3.87 -5.61
C ILE A 303 -22.98 -2.64 -4.70
N GLY A 304 -21.85 -2.33 -4.09
CA GLY A 304 -21.77 -1.23 -3.15
C GLY A 304 -21.38 -1.68 -1.76
N ALA A 305 -20.25 -1.19 -1.26
CA ALA A 305 -19.68 -1.70 -0.01
C ALA A 305 -20.49 -1.29 1.21
N LYS A 306 -21.27 -0.20 1.11
CA LYS A 306 -22.18 0.17 2.19
C LYS A 306 -23.29 -0.86 2.37
N PHE A 307 -23.87 -1.32 1.27
CA PHE A 307 -24.94 -2.31 1.33
C PHE A 307 -24.43 -3.72 1.56
N MET A 308 -23.13 -3.96 1.43
CA MET A 308 -22.54 -5.26 1.76
C MET A 308 -22.51 -5.49 3.27
N PHE A 309 -22.12 -4.47 4.03
CA PHE A 309 -21.90 -4.65 5.46
C PHE A 309 -23.22 -4.76 6.21
N VAL A 310 -24.31 -4.29 5.61
CA VAL A 310 -25.63 -4.52 6.17
C VAL A 310 -26.34 -5.73 5.56
N ALA A 311 -25.76 -6.34 4.51
CA ALA A 311 -26.35 -7.56 3.97
C ALA A 311 -25.86 -8.79 4.70
N GLY A 312 -24.59 -8.80 5.12
CA GLY A 312 -24.03 -9.93 5.82
C GLY A 312 -24.63 -10.16 7.20
N MET A 313 -24.67 -9.10 8.01
CA MET A 313 -25.14 -9.25 9.39
C MET A 313 -26.66 -9.38 9.47
N PHE A 314 -27.40 -8.96 8.44
CA PHE A 314 -28.85 -9.15 8.45
C PHE A 314 -29.18 -10.63 8.22
N VAL A 315 -28.50 -11.25 7.25
CA VAL A 315 -28.69 -12.69 7.00
C VAL A 315 -28.12 -13.51 8.15
N SER A 316 -26.96 -13.11 8.67
CA SER A 316 -26.38 -13.80 9.82
C SER A 316 -27.18 -13.54 11.09
N GLY A 317 -27.96 -12.45 11.13
CA GLY A 317 -28.89 -12.27 12.22
C GLY A 317 -30.00 -13.29 12.22
N GLY A 318 -30.44 -13.70 11.03
CA GLY A 318 -31.48 -14.72 10.93
C GLY A 318 -30.95 -16.12 11.23
N VAL A 319 -29.65 -16.32 11.09
CA VAL A 319 -29.03 -17.61 11.44
C VAL A 319 -29.12 -17.85 12.93
N THR A 320 -28.99 -16.79 13.72
CA THR A 320 -29.14 -16.90 15.17
C THR A 320 -30.60 -17.16 15.57
N ILE A 321 -31.54 -16.80 14.68
CA ILE A 321 -32.95 -16.97 15.02
C ILE A 321 -33.45 -18.35 14.57
N LEU A 322 -33.11 -18.75 13.35
CA LEU A 322 -33.70 -19.96 12.77
C LEU A 322 -33.06 -21.24 13.31
N PHE A 323 -31.98 -21.12 14.09
CA PHE A 323 -31.40 -22.31 14.71
C PHE A 323 -32.27 -22.82 15.87
N GLY A 324 -32.98 -21.92 16.54
CA GLY A 324 -33.82 -22.33 17.65
C GLY A 324 -35.03 -23.15 17.21
N VAL A 325 -35.60 -22.81 16.04
CA VAL A 325 -36.83 -23.45 15.58
C VAL A 325 -36.60 -24.82 14.95
N LEU A 326 -35.34 -25.25 14.83
CA LEU A 326 -35.06 -26.60 14.33
C LEU A 326 -35.43 -27.68 15.33
N ASP A 327 -35.54 -27.33 16.62
CA ASP A 327 -35.90 -28.30 17.64
C ASP A 327 -37.36 -28.73 17.53
N ARG A 328 -38.22 -27.84 17.02
CA ARG A 328 -39.66 -28.09 16.97
C ARG A 328 -40.00 -29.22 15.99
N VAL A 329 -39.37 -29.24 14.83
CA VAL A 329 -39.71 -30.22 13.80
C VAL A 329 -39.09 -31.57 14.16
N PRO A 330 -39.73 -32.68 13.83
CA PRO A 330 -39.11 -34.00 14.05
C PRO A 330 -38.18 -34.33 12.89
N ASP A 331 -37.38 -35.38 13.09
CA ASP A 331 -36.36 -35.76 12.12
C ASP A 331 -37.03 -36.33 10.86
N GLY A 332 -36.46 -36.00 9.71
CA GLY A 332 -37.01 -36.41 8.43
C GLY A 332 -36.86 -35.33 7.38
N PRO A 333 -37.81 -35.28 6.42
CA PRO A 333 -37.76 -34.23 5.40
C PRO A 333 -38.01 -32.83 5.93
N VAL A 334 -38.60 -32.69 7.13
CA VAL A 334 -38.89 -31.37 7.67
C VAL A 334 -37.74 -30.88 8.56
N PHE A 335 -36.82 -31.77 8.93
CA PHE A 335 -35.63 -31.37 9.70
C PHE A 335 -34.40 -31.27 8.82
N ILE A 336 -34.12 -32.31 8.01
CA ILE A 336 -32.86 -32.41 7.29
C ILE A 336 -32.80 -31.37 6.17
N ALA A 337 -33.92 -31.15 5.48
CA ALA A 337 -33.96 -30.16 4.41
C ALA A 337 -33.88 -28.73 4.96
N MET A 338 -34.31 -28.52 6.21
CA MET A 338 -34.13 -27.21 6.82
C MET A 338 -32.70 -27.02 7.32
N CYS A 339 -31.97 -28.10 7.59
CA CYS A 339 -30.54 -27.98 7.82
C CYS A 339 -29.75 -27.75 6.53
N PHE A 340 -30.34 -28.08 5.38
CA PHE A 340 -29.70 -27.71 4.12
C PHE A 340 -29.70 -26.20 3.91
N LEU A 341 -30.79 -25.54 4.31
CA LEU A 341 -30.90 -24.10 4.10
C LEU A 341 -30.05 -23.29 5.08
N VAL A 342 -30.04 -23.66 6.37
CA VAL A 342 -29.43 -22.80 7.38
C VAL A 342 -27.91 -22.82 7.27
CA ARG A 343 -25.65 -23.52 6.71
C ARG A 343 -25.34 -22.66 5.48
N VAL A 344 -26.47 -22.73 4.34
CA VAL A 344 -26.23 -21.77 3.27
C VAL A 344 -26.19 -20.35 3.82
N MET A 345 -27.17 -20.00 4.67
CA MET A 345 -27.19 -18.65 5.23
C MET A 345 -26.12 -18.47 6.29
N ASP A 346 -25.62 -19.55 6.88
CA ASP A 346 -24.49 -19.42 7.80
C ASP A 346 -23.20 -19.17 7.02
N ALA A 347 -23.05 -19.82 5.87
CA ALA A 347 -21.83 -19.70 5.09
C ALA A 347 -21.76 -18.36 4.38
N VAL A 348 -22.79 -18.02 3.60
CA VAL A 348 -22.75 -16.88 2.70
C VAL A 348 -22.71 -15.57 3.47
N SER A 349 -23.46 -15.49 4.58
CA SER A 349 -23.47 -14.26 5.38
C SER A 349 -22.13 -14.03 6.09
N PHE A 350 -21.36 -15.16 6.61
CA PHE A 350 -19.99 -15.01 7.08
C PHE A 350 -19.04 -14.73 5.93
N ALA A 351 -19.31 -15.27 4.88
CA ALA A 351 -18.44 -14.92 3.76
C ALA A 351 -18.67 -13.48 3.31
N ALA A 352 -19.91 -13.00 3.42
CA ALA A 352 -20.19 -11.60 3.10
C ALA A 352 -19.61 -10.66 4.15
N ALA A 353 -19.72 -11.04 5.44
CA ALA A 353 -19.28 -10.14 6.51
C ALA A 353 -17.76 -10.08 6.61
N MET A 354 -17.09 -11.15 6.30
CA MET A 354 -15.63 -11.09 6.37
C MET A 354 -15.09 -10.24 5.23
N THR A 355 -15.60 -10.39 3.97
CA THR A 355 -15.08 -9.61 2.84
C THR A 355 -15.46 -8.14 2.94
N ALA A 356 -16.64 -7.85 3.50
CA ALA A 356 -17.06 -6.46 3.62
C ALA A 356 -16.27 -5.72 4.70
N SER A 357 -15.98 -6.39 5.81
CA SER A 357 -15.27 -5.75 6.91
C SER A 357 -13.80 -5.52 6.56
N SER A 358 -13.24 -6.34 5.67
CA SER A 358 -11.87 -6.13 5.25
C SER A 358 -11.77 -4.95 4.30
N SER A 359 -12.77 -4.76 3.44
CA SER A 359 -12.71 -3.69 2.45
C SER A 359 -13.00 -2.33 3.08
N ILE A 360 -13.96 -2.27 4.00
CA ILE A 360 -14.35 -0.98 4.57
C ILE A 360 -13.30 -0.47 5.55
N LEU A 361 -12.46 -1.35 6.09
CA LEU A 361 -11.50 -0.95 7.11
C LEU A 361 -10.17 -0.51 6.49
N ALA A 362 -9.74 -1.16 5.41
CA ALA A 362 -8.49 -0.78 4.77
C ALA A 362 -8.62 0.52 3.99
N LYS A 363 -9.82 0.86 3.56
CA LYS A 363 -10.06 2.19 2.98
C LYS A 363 -9.98 3.27 4.05
N ALA A 364 -10.49 2.97 5.26
CA ALA A 364 -10.50 3.95 6.33
C ALA A 364 -9.09 4.28 6.81
N PHE A 365 -8.23 3.27 6.92
CA PHE A 365 -6.84 3.49 7.32
C PHE A 365 -5.93 3.21 6.13
N PRO A 366 -5.44 4.24 5.44
CA PRO A 366 -4.66 4.00 4.22
C PRO A 366 -3.25 3.47 4.48
N ASN A 367 -2.57 4.04 5.47
CA ASN A 367 -1.21 3.61 5.78
C ASN A 367 -1.16 2.93 7.15
N ASN A 368 -2.25 2.15 7.55
CA ASN A 368 -2.29 1.52 8.90
C ASN A 368 -2.94 0.15 8.69
N VAL A 369 -2.84 -0.43 7.51
CA VAL A 369 -3.65 -1.60 7.18
C VAL A 369 -3.31 -2.76 8.09
N ALA A 370 -2.01 -3.00 8.32
CA ALA A 370 -1.56 -4.14 9.11
C ALA A 370 -1.91 -3.98 10.59
N THR A 371 -1.84 -2.75 11.09
CA THR A 371 -2.04 -2.52 12.53
C THR A 371 -3.51 -2.67 12.91
N VAL A 372 -4.42 -2.26 12.04
CA VAL A 372 -5.83 -2.27 12.42
C VAL A 372 -6.44 -3.66 12.27
N LEU A 373 -5.86 -4.54 11.45
CA LEU A 373 -6.27 -5.94 11.42
C LEU A 373 -5.93 -6.63 12.74
N GLY A 374 -4.76 -6.32 13.29
CA GLY A 374 -4.40 -6.87 14.59
C GLY A 374 -5.27 -6.34 15.71
N SER A 375 -5.68 -5.08 15.62
CA SER A 375 -6.57 -4.52 16.62
C SER A 375 -7.98 -5.07 16.46
N LEU A 376 -8.38 -5.38 15.22
CA LEU A 376 -9.72 -5.90 15.00
C LEU A 376 -9.82 -7.36 15.44
N GLU A 377 -8.81 -8.17 15.13
CA GLU A 377 -8.85 -9.58 15.45
C GLU A 377 -8.58 -9.84 16.93
N THR A 378 -7.97 -8.90 17.63
CA THR A 378 -7.79 -9.03 19.07
C THR A 378 -9.12 -8.92 19.80
N PHE A 379 -9.97 -7.98 19.36
CA PHE A 379 -11.27 -7.80 19.99
C PHE A 379 -12.22 -8.94 19.66
N SER A 380 -11.97 -9.69 18.58
CA SER A 380 -12.66 -10.96 18.37
C SER A 380 -12.12 -12.05 19.29
N GLY A 381 -10.90 -11.89 19.80
CA GLY A 381 -10.39 -12.82 20.80
C GLY A 381 -10.96 -12.58 22.18
N LEU A 382 -11.62 -11.44 22.38
CA LEU A 382 -12.38 -11.22 23.62
C LEU A 382 -13.75 -11.87 23.54
N GLY A 383 -14.17 -12.30 22.35
CA GLY A 383 -15.48 -12.92 22.20
C GLY A 383 -15.57 -14.26 22.89
N LEU A 384 -14.54 -15.10 22.73
CA LEU A 384 -14.56 -16.41 23.37
C LEU A 384 -14.15 -16.35 24.83
N ILE A 385 -13.61 -15.21 25.29
CA ILE A 385 -13.48 -14.97 26.72
C ILE A 385 -14.85 -14.85 27.36
N LEU A 386 -15.80 -14.26 26.63
CA LEU A 386 -17.19 -14.13 27.06
C LEU A 386 -18.04 -15.37 26.75
N GLY A 387 -17.39 -16.54 26.60
CA GLY A 387 -18.06 -17.80 26.45
C GLY A 387 -18.94 -18.22 27.61
N PRO A 388 -18.36 -18.50 28.78
CA PRO A 388 -19.17 -18.94 29.95
C PRO A 388 -20.08 -17.88 30.55
N PRO A 389 -20.07 -16.60 30.11
CA PRO A 389 -21.29 -15.80 30.31
C PRO A 389 -22.55 -16.32 29.62
N VAL A 390 -22.46 -17.20 28.61
CA VAL A 390 -23.65 -17.90 28.13
C VAL A 390 -24.23 -18.79 29.23
N GLY A 391 -23.35 -19.47 29.96
CA GLY A 391 -23.77 -20.28 31.09
C GLY A 391 -24.10 -19.49 32.35
N GLY A 392 -23.94 -18.17 32.32
CA GLY A 392 -24.25 -17.33 33.45
C GLY A 392 -25.72 -17.28 33.79
N PHE A 393 -26.54 -16.72 32.91
CA PHE A 393 -27.97 -16.61 33.14
C PHE A 393 -28.80 -17.16 31.99
N LEU A 394 -28.31 -17.06 30.74
CA LEU A 394 -29.10 -17.48 29.58
C LEU A 394 -29.26 -18.99 29.54
N TYR A 395 -28.21 -19.73 29.91
CA TYR A 395 -28.33 -21.19 29.97
C TYR A 395 -29.16 -21.64 31.16
N GLN A 396 -29.10 -20.91 32.27
CA GLN A 396 -29.80 -21.34 33.48
C GLN A 396 -31.27 -20.98 33.46
N SER A 397 -31.69 -20.10 32.56
CA SER A 397 -33.09 -19.67 32.50
C SER A 397 -33.93 -20.59 31.63
N PHE A 398 -33.56 -20.72 30.36
CA PHE A 398 -34.38 -21.45 29.39
C PHE A 398 -33.75 -22.76 28.93
N GLY A 399 -32.45 -22.94 29.12
CA GLY A 399 -31.80 -24.15 28.68
C GLY A 399 -31.33 -24.08 27.24
N TYR A 400 -31.90 -24.91 26.38
CA TYR A 400 -31.50 -24.97 24.98
C TYR A 400 -32.61 -24.58 24.01
N GLU A 401 -33.82 -24.28 24.50
CA GLU A 401 -34.94 -24.05 23.60
C GLU A 401 -34.88 -22.66 22.97
N VAL A 402 -35.04 -21.62 23.77
CA VAL A 402 -34.89 -20.24 23.28
C VAL A 402 -33.92 -19.50 24.19
N PRO A 403 -32.60 -19.62 24.00
CA PRO A 403 -31.70 -18.53 24.42
C PRO A 403 -31.27 -17.67 23.24
N PHE A 404 -31.58 -18.13 22.03
CA PHE A 404 -30.95 -17.58 20.83
C PHE A 404 -31.70 -16.38 20.27
N ILE A 405 -33.03 -16.38 20.40
CA ILE A 405 -33.84 -15.30 19.83
C ILE A 405 -33.62 -14.00 20.61
N VAL A 406 -33.47 -14.11 21.94
CA VAL A 406 -33.27 -12.94 22.78
C VAL A 406 -31.93 -12.27 22.48
N LEU A 407 -30.88 -13.08 22.31
CA LEU A 407 -29.58 -12.53 21.94
C LEU A 407 -29.57 -12.03 20.51
N GLY A 408 -30.46 -12.55 19.67
CA GLY A 408 -30.50 -12.14 18.27
C GLY A 408 -31.09 -10.76 18.06
N CYS A 409 -31.79 -10.21 19.06
CA CYS A 409 -32.36 -8.88 18.93
C CYS A 409 -31.27 -7.81 18.89
N VAL A 410 -30.32 -7.87 19.83
CA VAL A 410 -29.26 -6.86 19.91
C VAL A 410 -28.31 -7.00 18.73
N VAL A 411 -28.20 -8.21 18.14
CA VAL A 411 -27.52 -8.36 16.86
C VAL A 411 -28.30 -7.64 15.77
N LEU A 412 -29.61 -7.78 15.76
CA LEU A 412 -30.46 -7.11 14.78
C LEU A 412 -30.74 -5.65 15.14
N LEU A 413 -30.47 -5.23 16.38
CA LEU A 413 -30.58 -3.83 16.74
C LEU A 413 -29.36 -3.01 16.33
N MET A 414 -28.33 -3.66 15.80
CA MET A 414 -27.20 -2.96 15.20
C MET A 414 -27.54 -2.43 13.80
N VAL A 415 -28.70 -2.82 13.25
CA VAL A 415 -29.09 -2.34 11.92
C VAL A 415 -29.29 -0.82 11.84
N PRO A 416 -30.06 -0.16 12.75
CA PRO A 416 -30.16 1.31 12.61
C PRO A 416 -28.87 2.03 12.96
N LEU A 417 -28.03 1.44 13.82
CA LEU A 417 -26.75 2.05 14.13
C LEU A 417 -25.80 1.97 12.94
N ASN A 418 -25.64 0.79 12.35
CA ASN A 418 -24.64 0.59 11.31
C ASN A 418 -25.06 1.22 9.99
N MET A 419 -26.36 1.38 9.76
CA MET A 419 -26.82 2.07 8.55
C MET A 419 -26.50 3.55 8.62
N TYR A 420 -26.55 4.12 9.82
CA TYR A 420 -26.28 5.54 10.05
C TYR A 420 -24.81 5.84 10.27
N ILE A 421 -24.04 4.93 10.86
CA ILE A 421 -22.70 5.28 11.30
C ILE A 421 -21.62 4.94 10.28
N LEU A 422 -21.92 4.06 9.29
CA LEU A 422 -20.92 3.77 8.26
C LEU A 422 -20.98 4.80 7.15
N PRO A 423 -19.85 5.25 6.63
CA PRO A 423 -19.87 6.19 5.51
C PRO A 423 -20.24 5.50 4.20
N ASN A 424 -20.60 6.34 3.22
CA ASN A 424 -20.97 5.87 1.89
C ASN A 424 -19.81 6.09 0.93
N TYR A 425 -19.42 5.04 0.22
CA TYR A 425 -18.37 5.11 -0.78
C TYR A 425 -18.91 4.68 -2.14
N GLU A 426 -18.28 5.16 -3.20
CA GLU A 426 -18.59 4.76 -4.56
C GLU A 426 -17.32 4.72 -5.38
N SER A 427 -17.29 3.81 -6.36
CA SER A 427 -16.12 3.68 -7.22
C SER A 427 -16.53 3.09 -8.56
N ASP A 428 -15.83 3.51 -9.60
CA ASP A 428 -15.99 2.92 -10.92
C ASP A 428 -15.42 1.50 -10.90
N PRO A 429 -16.11 0.53 -11.50
CA PRO A 429 -15.52 -0.81 -11.64
C PRO A 429 -14.23 -0.82 -12.45
N GLY A 430 -13.30 -1.67 -12.03
CA GLY A 430 -11.99 -1.75 -12.68
C GLY A 430 -12.02 -2.73 -13.84
N GLU A 431 -11.32 -2.37 -14.92
CA GLU A 431 -11.34 -3.17 -16.13
C GLU A 431 -10.33 -4.32 -16.11
N HIS A 432 -9.54 -4.44 -15.05
CA HIS A 432 -8.61 -5.56 -14.95
C HIS A 432 -9.36 -6.86 -14.66
N SER A 433 -9.04 -7.91 -15.41
CA SER A 433 -9.63 -9.21 -15.17
C SER A 433 -9.07 -9.84 -13.90
N PHE A 434 -9.91 -10.63 -13.23
CA PHE A 434 -9.50 -11.28 -11.99
C PHE A 434 -8.50 -12.41 -12.26
CA TRP A 435 -7.81 -14.05 -13.84
C TRP A 435 -6.36 -13.67 -14.08
N LYS A 436 -6.00 -12.58 -14.24
CA LYS A 436 -4.62 -12.13 -14.31
C LYS A 436 -3.97 -12.10 -12.93
N LEU A 437 -4.75 -11.77 -11.88
CA LEU A 437 -4.23 -11.63 -10.53
C LEU A 437 -3.73 -12.96 -9.96
N ILE A 438 -4.44 -14.05 -10.25
CA ILE A 438 -4.02 -15.36 -9.75
C ILE A 438 -2.90 -15.99 -10.57
N ALA A 439 -2.49 -15.36 -11.66
CA ALA A 439 -1.40 -15.86 -12.48
C ALA A 439 -0.03 -15.32 -12.08
N LEU A 440 0.04 -14.51 -11.03
CA LEU A 440 1.33 -14.00 -10.58
C LEU A 440 2.11 -15.11 -9.88
N PRO A 441 3.45 -15.06 -9.93
CA PRO A 441 4.24 -16.03 -9.15
C PRO A 441 4.13 -15.83 -7.65
N LYS A 442 3.97 -14.58 -7.19
CA LYS A 442 3.98 -14.29 -5.76
C LYS A 442 2.63 -14.54 -5.12
N VAL A 443 1.54 -14.22 -5.82
CA VAL A 443 0.19 -14.49 -5.33
C VAL A 443 -0.06 -15.99 -5.24
N GLY A 444 0.51 -16.76 -6.17
CA GLY A 444 0.35 -18.21 -6.13
C GLY A 444 1.04 -18.85 -4.95
N LEU A 445 2.23 -18.37 -4.58
CA LEU A 445 2.95 -18.95 -3.46
C LEU A 445 2.38 -18.50 -2.12
N ILE A 446 1.87 -17.27 -2.03
CA ILE A 446 1.26 -16.82 -0.79
C ILE A 446 -0.12 -17.44 -0.62
N ALA A 447 -0.73 -17.93 -1.70
CA ALA A 447 -1.96 -18.70 -1.58
C ALA A 447 -1.68 -20.09 -1.01
N PHE A 448 -0.47 -20.60 -1.22
CA PHE A 448 -0.10 -21.90 -0.69
C PHE A 448 0.13 -21.84 0.81
N VAL A 449 0.63 -20.71 1.31
CA VAL A 449 0.92 -20.57 2.73
C VAL A 449 -0.37 -20.49 3.53
N ILE A 450 -1.35 -19.73 3.05
CA ILE A 450 -2.63 -19.61 3.72
C ILE A 450 -3.41 -20.92 3.63
N ASN A 451 -3.25 -21.64 2.52
CA ASN A 451 -3.79 -22.99 2.40
C ASN A 451 -3.13 -23.93 3.41
N SER A 452 -1.81 -23.78 3.59
CA SER A 452 -1.10 -24.64 4.54
C SER A 452 -1.38 -24.24 5.98
N LEU A 453 -1.45 -22.93 6.26
CA LEU A 453 -1.66 -22.48 7.63
C LEU A 453 -3.06 -22.80 8.13
N SER A 454 -4.07 -22.66 7.26
CA SER A 454 -5.43 -23.00 7.67
C SER A 454 -5.64 -24.50 7.75
N SER A 455 -4.82 -25.29 7.06
CA SER A 455 -4.94 -26.74 7.13
C SER A 455 -4.50 -27.26 8.50
N CYS A 456 -3.44 -26.68 9.06
CA CYS A 456 -2.95 -27.13 10.36
C CYS A 456 -3.84 -26.65 11.51
N PHE A 457 -4.56 -25.55 11.32
CA PHE A 457 -5.48 -25.09 12.35
C PHE A 457 -6.72 -25.97 12.42
N GLY A 458 -7.27 -26.35 11.26
CA GLY A 458 -8.47 -27.16 11.22
C GLY A 458 -8.28 -28.62 11.56
N PHE A 459 -7.04 -29.09 11.60
CA PHE A 459 -6.79 -30.48 11.99
C PHE A 459 -7.00 -30.70 13.47
N LEU A 460 -6.61 -29.72 14.31
CA LEU A 460 -6.66 -29.92 15.75
C LEU A 460 -8.07 -29.81 16.34
N ASP A 461 -9.05 -29.38 15.57
CA ASP A 461 -10.38 -29.17 16.12
C ASP A 461 -11.14 -30.48 16.31
N PRO A 462 -11.11 -31.37 15.33
CA PRO A 462 -11.70 -32.69 15.64
C PRO A 462 -10.77 -33.67 16.32
N THR A 463 -9.45 -33.52 16.20
CA THR A 463 -8.53 -34.63 16.47
C THR A 463 -7.67 -34.48 17.71
N LEU A 464 -7.58 -33.30 18.31
CA LEU A 464 -6.72 -33.15 19.48
C LEU A 464 -7.36 -33.78 20.71
N SER A 465 -8.68 -33.65 20.85
CA SER A 465 -9.39 -34.22 22.00
C SER A 465 -9.41 -35.73 21.97
N LEU A 466 -9.43 -36.32 20.77
CA LEU A 466 -9.50 -37.77 20.65
C LEU A 466 -8.15 -38.41 20.96
N PHE A 467 -7.06 -37.71 20.66
CA PHE A 467 -5.73 -38.19 21.04
C PHE A 467 -5.55 -38.16 22.55
N VAL A 468 -6.04 -37.11 23.21
CA VAL A 468 -5.98 -37.03 24.67
C VAL A 468 -6.87 -38.10 25.31
N LEU A 469 -8.01 -38.40 24.66
CA LEU A 469 -8.92 -39.41 25.20
C LEU A 469 -8.31 -40.80 25.15
N GLU A 470 -7.59 -41.13 24.08
CA GLU A 470 -7.00 -42.46 23.96
C GLU A 470 -5.68 -42.61 24.69
N LYS A 471 -5.05 -41.50 25.09
CA LYS A 471 -3.77 -41.55 25.79
C LYS A 471 -3.84 -41.03 27.22
N PHE A 472 -4.30 -39.79 27.41
CA PHE A 472 -4.33 -39.17 28.73
C PHE A 472 -5.67 -39.34 29.43
N ASN A 473 -6.73 -39.66 28.67
CA ASN A 473 -8.07 -39.98 29.16
C ASN A 473 -8.67 -38.81 29.96
N LEU A 474 -8.92 -37.72 29.24
CA LEU A 474 -9.52 -36.54 29.83
C LEU A 474 -10.84 -36.22 29.14
N PRO A 475 -11.81 -35.66 29.88
CA PRO A 475 -13.08 -35.28 29.25
C PRO A 475 -12.91 -34.11 28.30
N ALA A 476 -13.81 -34.03 27.32
CA ALA A 476 -13.70 -33.02 26.26
C ALA A 476 -13.97 -31.62 26.80
N GLY A 477 -14.72 -31.52 27.90
CA GLY A 477 -14.86 -30.23 28.57
C GLY A 477 -13.56 -29.72 29.15
N TYR A 478 -12.71 -30.64 29.61
CA TYR A 478 -11.38 -30.26 30.08
C TYR A 478 -10.46 -29.90 28.92
N VAL A 479 -10.73 -30.46 27.73
CA VAL A 479 -10.00 -30.09 26.52
C VAL A 479 -10.48 -28.72 26.01
N GLY A 480 -11.63 -28.23 26.49
CA GLY A 480 -12.05 -26.88 26.18
C GLY A 480 -11.13 -25.81 26.75
N LEU A 481 -10.44 -26.13 27.85
CA LEU A 481 -9.43 -25.21 28.37
C LEU A 481 -8.19 -25.19 27.49
N VAL A 482 -7.94 -26.26 26.75
CA VAL A 482 -6.76 -26.35 25.90
C VAL A 482 -6.90 -25.42 24.70
N PHE A 483 -7.99 -25.39 24.19
CA PHE A 483 -8.27 -24.52 23.06
C PHE A 483 -8.13 -23.05 23.42
N LEU A 484 -8.53 -22.58 24.68
CA LEU A 484 -8.31 -21.22 25.16
C LEU A 484 -6.83 -20.94 25.39
N GLY A 485 -6.01 -21.98 25.57
CA GLY A 485 -4.58 -21.77 25.66
C GLY A 485 -3.96 -21.30 24.36
N MET A 486 -4.46 -21.89 23.18
CA MET A 486 -3.96 -21.44 21.89
C MET A 486 -4.52 -20.07 21.52
N ALA A 487 -5.76 -19.75 21.96
CA ALA A 487 -6.37 -18.47 21.63
C ALA A 487 -5.83 -17.35 22.51
N LEU A 488 -5.23 -17.68 23.66
CA LEU A 488 -4.63 -16.65 24.50
C LEU A 488 -3.36 -16.11 23.87
N SER A 489 -2.58 -16.98 23.21
CA SER A 489 -1.36 -16.53 22.55
C SER A 489 -1.69 -15.75 21.28
N TYR A 490 -2.79 -16.04 20.42
CA TYR A 490 -3.24 -15.31 19.25
C TYR A 490 -3.67 -13.89 19.60
N ALA A 491 -4.28 -13.75 20.74
CA ALA A 491 -4.86 -12.44 20.99
C ALA A 491 -3.79 -11.40 21.28
N ILE A 492 -2.70 -11.81 21.92
CA ILE A 492 -1.61 -10.87 22.22
C ILE A 492 -0.62 -10.77 21.06
N SER A 493 -0.53 -11.79 20.21
CA SER A 493 0.38 -11.73 19.07
C SER A 493 -0.16 -10.88 17.94
N SER A 494 -1.48 -10.76 17.83
CA SER A 494 -2.09 -10.02 16.71
C SER A 494 -1.78 -8.53 16.69
N PRO A 495 -1.85 -7.72 17.81
CA PRO A 495 -1.51 -6.29 17.65
C PRO A 495 -0.03 -6.05 17.42
N LEU A 496 0.81 -6.74 18.20
CA LEU A 496 2.24 -6.48 18.20
C LEU A 496 2.89 -6.88 16.88
N PHE A 497 2.47 -7.99 16.30
CA PHE A 497 3.03 -8.39 15.00
C PHE A 497 2.38 -7.60 13.86
N GLY A 498 1.23 -6.99 14.11
CA GLY A 498 0.70 -6.02 13.17
C GLY A 498 1.28 -4.64 13.39
N LEU A 499 1.77 -4.37 14.61
CA LEU A 499 2.44 -3.11 14.89
C LEU A 499 3.79 -3.04 14.19
N LEU A 500 4.53 -4.15 14.18
CA LEU A 500 5.84 -4.18 13.56
C LEU A 500 5.76 -4.45 12.06
N SER A 501 4.60 -4.86 11.55
CA SER A 501 4.47 -5.11 10.12
C SER A 501 4.37 -3.82 9.33
N ASP A 502 3.72 -2.80 9.91
CA ASP A 502 3.48 -1.56 9.19
C ASP A 502 4.72 -0.69 9.10
N LYS A 503 5.53 -0.63 10.16
CA LYS A 503 6.62 0.34 10.21
C LYS A 503 7.80 -0.07 9.33
N ARG A 504 8.02 -1.37 9.14
CA ARG A 504 9.11 -1.86 8.29
C ARG A 504 8.56 -2.76 7.20
N PRO A 505 8.22 -2.19 6.04
CA PRO A 505 7.74 -2.99 4.89
C PRO A 505 8.76 -3.99 4.33
N PRO A 506 10.09 -3.75 4.30
CA PRO A 506 10.97 -4.83 3.81
C PRO A 506 11.06 -6.06 4.71
N LEU A 507 10.70 -5.96 5.98
CA LEU A 507 10.83 -7.11 6.87
C LEU A 507 9.55 -7.91 7.06
N ARG A 508 8.48 -7.56 6.35
CA ARG A 508 7.27 -8.38 6.42
C ARG A 508 7.42 -9.69 5.65
N LYS A 509 8.39 -9.76 4.73
CA LYS A 509 8.63 -10.99 3.98
C LYS A 509 9.49 -11.96 4.79
N TRP A 510 10.32 -11.45 5.70
CA TRP A 510 11.08 -12.32 6.59
C TRP A 510 10.28 -12.70 7.82
N LEU A 511 9.30 -11.87 8.19
CA LEU A 511 8.50 -12.14 9.37
C LEU A 511 7.51 -13.26 9.12
N LEU A 512 7.06 -13.41 7.86
CA LEU A 512 5.96 -14.34 7.57
C LEU A 512 6.48 -15.71 7.21
N VAL A 513 7.60 -15.78 6.48
CA VAL A 513 8.18 -17.06 6.09
C VAL A 513 8.73 -17.79 7.31
N PHE A 514 9.36 -17.04 8.23
CA PHE A 514 9.81 -17.64 9.49
C PHE A 514 8.64 -18.00 10.39
N GLY A 515 7.48 -17.39 10.19
CA GLY A 515 6.29 -17.79 10.94
C GLY A 515 5.80 -19.17 10.55
N ASN A 516 5.86 -19.49 9.25
CA ASN A 516 5.43 -20.79 8.80
C ASN A 516 6.46 -21.87 9.16
N LEU A 517 7.74 -21.48 9.20
CA LEU A 517 8.81 -22.44 9.50
C LEU A 517 8.75 -22.91 10.94
N ILE A 518 8.38 -22.02 11.86
CA ILE A 518 8.18 -22.42 13.26
C ILE A 518 6.95 -23.32 13.38
N THR A 519 5.91 -23.03 12.59
CA THR A 519 4.68 -23.82 12.62
C THR A 519 4.93 -25.24 12.14
N ALA A 520 5.83 -25.41 11.17
CA ALA A 520 6.26 -26.75 10.76
C ALA A 520 7.05 -27.43 11.88
N GLY A 521 7.86 -26.67 12.60
CA GLY A 521 8.65 -27.25 13.69
C GLY A 521 7.82 -27.56 14.92
N CYS A 522 6.79 -26.77 15.19
CA CYS A 522 5.96 -26.99 16.38
C CYS A 522 5.12 -28.24 16.24
N TYR A 523 4.57 -28.30 14.93
CA TYR A 523 3.74 -29.46 14.64
C TYR A 523 4.58 -30.71 14.45
N MET A 524 5.75 -30.71 14.19
CA MET A 524 6.65 -31.86 14.11
C MET A 524 6.84 -32.48 15.50
N LEU A 525 6.88 -31.63 16.53
CA LEU A 525 7.07 -32.06 17.91
C LEU A 525 5.77 -32.11 18.71
N LEU A 526 4.63 -31.81 18.09
CA LEU A 526 3.33 -31.87 18.77
C LEU A 526 3.00 -33.31 19.15
N GLY A 527 2.80 -34.16 18.15
CA GLY A 527 2.79 -35.59 18.35
C GLY A 527 4.12 -36.15 17.90
N PRO A 528 4.99 -36.47 18.85
CA PRO A 528 6.38 -36.78 18.50
C PRO A 528 6.51 -38.14 17.80
N VAL A 529 7.34 -38.16 16.78
CA VAL A 529 7.67 -39.39 16.06
C VAL A 529 8.47 -40.31 16.98
N PRO A 530 8.26 -41.65 16.94
CA PRO A 530 9.07 -42.55 17.78
C PRO A 530 10.57 -42.52 17.50
N ILE A 531 10.98 -42.08 16.30
CA ILE A 531 12.39 -41.84 16.03
C ILE A 531 12.92 -40.67 16.85
N LEU A 532 12.07 -39.69 17.14
CA LEU A 532 12.50 -38.52 17.92
C LEU A 532 12.70 -38.84 19.39
N HIS A 533 12.04 -39.88 19.91
CA HIS A 533 12.14 -40.34 21.31
C HIS A 533 11.82 -39.25 22.31
N ILE A 534 10.68 -38.60 22.12
CA ILE A 534 10.17 -37.58 23.03
C ILE A 534 8.92 -38.13 23.70
N LYS A 535 8.92 -38.14 25.03
CA LYS A 535 7.78 -38.66 25.79
C LYS A 535 6.70 -37.59 25.88
N SER A 536 5.47 -37.97 25.54
CA SER A 536 4.35 -37.02 25.55
C SER A 536 3.71 -36.97 26.93
N GLN A 537 3.51 -35.75 27.43
CA GLN A 537 2.80 -35.54 28.68
C GLN A 537 2.08 -34.20 28.61
N LEU A 538 1.38 -33.88 29.71
CA LEU A 538 0.42 -32.77 29.67
C LEU A 538 1.11 -31.40 29.67
N TRP A 539 2.16 -31.25 30.49
CA TRP A 539 2.84 -29.96 30.59
C TRP A 539 3.61 -29.66 29.31
N LEU A 540 4.13 -30.70 28.65
CA LEU A 540 4.76 -30.52 27.34
C LEU A 540 3.74 -30.12 26.28
N LEU A 541 2.53 -30.69 26.35
CA LEU A 541 1.48 -30.37 25.38
C LEU A 541 0.99 -28.94 25.54
N VAL A 542 0.93 -28.45 26.79
CA VAL A 542 0.55 -27.07 27.04
C VAL A 542 1.61 -26.12 26.49
N LEU A 543 2.88 -26.45 26.69
CA LEU A 543 3.97 -25.57 26.28
C LEU A 543 4.13 -25.52 24.77
N ILE A 544 3.94 -26.66 24.09
CA ILE A 544 4.23 -26.68 22.66
C ILE A 544 3.08 -26.06 21.86
N LEU A 545 1.88 -25.99 22.43
CA LEU A 545 0.74 -25.47 21.67
C LEU A 545 0.65 -23.95 21.76
N VAL A 546 1.07 -23.37 22.89
CA VAL A 546 1.03 -21.91 23.03
C VAL A 546 2.13 -21.26 22.21
N VAL A 547 3.20 -22.00 21.92
CA VAL A 547 4.21 -21.53 20.97
C VAL A 547 3.63 -21.51 19.56
N SER A 548 2.78 -22.49 19.24
CA SER A 548 2.14 -22.54 17.93
C SER A 548 1.16 -21.39 17.72
N GLY A 549 0.56 -20.89 18.80
CA GLY A 549 -0.23 -19.67 18.70
C GLY A 549 0.61 -18.45 18.38
N LEU A 550 1.84 -18.40 18.90
CA LEU A 550 2.75 -17.31 18.59
C LEU A 550 3.18 -17.34 17.12
N SER A 551 3.40 -18.54 16.58
CA SER A 551 3.84 -18.68 15.19
C SER A 551 2.71 -18.45 14.20
N ALA A 552 1.50 -18.91 14.53
CA ALA A 552 0.38 -18.79 13.60
C ALA A 552 -0.10 -17.35 13.48
N GLY A 553 -0.10 -16.61 14.59
CA GLY A 553 -0.50 -15.22 14.54
C GLY A 553 0.52 -14.33 13.89
N MET A 554 1.77 -14.77 13.84
CA MET A 554 2.83 -13.98 13.22
C MET A 554 2.81 -14.14 11.70
N SER A 555 2.15 -15.19 11.20
CA SER A 555 2.08 -15.43 9.76
C SER A 555 0.73 -15.09 9.15
N ILE A 556 -0.31 -14.88 9.95
CA ILE A 556 -1.63 -14.64 9.39
C ILE A 556 -1.93 -13.16 9.24
N ILE A 557 -1.26 -12.30 10.01
CA ILE A 557 -1.51 -10.86 9.95
C ILE A 557 -0.86 -10.20 8.73
N PRO A 558 0.45 -10.30 8.43
CA PRO A 558 0.99 -9.52 7.32
C PRO A 558 0.78 -10.11 5.93
N THR A 559 -0.10 -11.10 5.76
CA THR A 559 -0.33 -11.64 4.43
C THR A 559 -1.36 -10.81 3.66
N PHE A 560 -2.14 -9.98 4.36
CA PHE A 560 -3.07 -9.08 3.67
C PHE A 560 -2.38 -7.82 3.14
N PRO A 561 -1.51 -7.11 3.88
CA PRO A 561 -0.81 -5.99 3.24
C PRO A 561 0.21 -6.40 2.19
N GLU A 562 0.68 -7.65 2.22
CA GLU A 562 1.63 -8.11 1.22
C GLU A 562 0.96 -8.28 -0.15
N ILE A 563 -0.26 -8.81 -0.17
CA ILE A 563 -0.99 -8.97 -1.42
C ILE A 563 -1.44 -7.61 -1.94
N LEU A 564 -1.81 -6.70 -1.04
CA LEU A 564 -2.11 -5.33 -1.42
C LEU A 564 -0.88 -4.62 -1.97
N SER A 565 0.30 -4.90 -1.41
CA SER A 565 1.53 -4.36 -1.96
C SER A 565 1.85 -4.97 -3.31
N CYS A 566 1.56 -6.26 -3.49
CA CYS A 566 1.88 -6.93 -4.75
C CYS A 566 0.98 -6.45 -5.88
N ALA A 567 -0.25 -6.05 -5.57
CA ALA A 567 -1.17 -5.58 -6.59
C ALA A 567 -0.73 -4.22 -7.14
N HIS A 568 -0.33 -3.31 -6.26
CA HIS A 568 -0.01 -1.95 -6.69
C HIS A 568 1.33 -1.88 -7.43
N GLU A 569 2.27 -2.77 -7.10
CA GLU A 569 3.54 -2.79 -7.83
C GLU A 569 3.36 -3.34 -9.24
N ASN A 570 2.36 -4.20 -9.44
CA ASN A 570 2.12 -4.77 -10.76
C ASN A 570 1.58 -3.73 -11.72
N GLY A 571 0.77 -2.80 -11.23
CA GLY A 571 0.20 -1.77 -12.09
C GLY A 571 -1.28 -1.57 -11.86
N PHE A 572 -1.81 -2.16 -10.80
CA PHE A 572 -3.22 -2.04 -10.49
C PHE A 572 -3.50 -0.69 -9.81
N GLU A 573 -4.72 -0.20 -9.97
CA GLU A 573 -5.08 1.12 -9.47
C GLU A 573 -5.34 1.08 -7.98
N GLU A 574 -5.33 2.26 -7.37
CA GLU A 574 -5.53 2.39 -5.93
C GLU A 574 -6.98 2.79 -5.64
N GLY A 575 -7.59 2.11 -4.68
CA GLY A 575 -8.90 2.49 -4.23
C GLY A 575 -9.75 1.26 -3.89
N LEU A 576 -11.05 1.39 -4.16
CA LEU A 576 -12.04 0.39 -3.77
C LEU A 576 -12.12 -0.77 -4.73
N SER A 577 -11.52 -0.67 -5.92
CA SER A 577 -11.63 -1.74 -6.90
C SER A 577 -10.69 -2.89 -6.57
N THR A 578 -9.39 -2.62 -6.51
CA THR A 578 -8.43 -3.69 -6.29
C THR A 578 -8.39 -4.15 -4.84
N LEU A 579 -8.88 -3.31 -3.91
CA LEU A 579 -9.02 -3.75 -2.53
C LEU A 579 -10.12 -4.80 -2.40
N GLY A 580 -11.16 -4.71 -3.23
CA GLY A 580 -12.22 -5.70 -3.19
C GLY A 580 -11.81 -7.06 -3.69
N LEU A 581 -10.97 -7.08 -4.73
CA LEU A 581 -10.54 -8.36 -5.31
C LEU A 581 -9.55 -9.07 -4.40
N VAL A 582 -8.72 -8.31 -3.69
CA VAL A 582 -7.74 -8.89 -2.79
C VAL A 582 -8.42 -9.49 -1.56
N SER A 583 -9.40 -8.77 -0.99
CA SER A 583 -10.05 -9.23 0.23
C SER A 583 -10.97 -10.42 -0.03
N GLY A 584 -11.39 -10.61 -1.28
CA GLY A 584 -12.11 -11.82 -1.64
C GLY A 584 -11.23 -13.05 -1.57
N LEU A 585 -9.95 -12.91 -1.93
CA LEU A 585 -9.04 -14.05 -1.91
C LEU A 585 -8.64 -14.43 -0.48
N PHE A 586 -8.67 -13.46 0.44
CA PHE A 586 -8.28 -13.75 1.81
C PHE A 586 -9.30 -14.65 2.50
N SER A 587 -10.58 -14.48 2.17
CA SER A 587 -11.59 -15.43 2.63
C SER A 587 -11.54 -16.71 1.80
N ALA A 588 -11.09 -16.62 0.54
CA ALA A 588 -11.10 -17.79 -0.33
C ALA A 588 -10.01 -18.79 0.05
N MET A 589 -8.79 -18.31 0.29
CA MET A 589 -7.70 -19.24 0.61
C MET A 589 -7.75 -19.66 2.07
N TRP A 590 -8.56 -18.95 2.97
CA TRP A 590 -8.90 -19.46 4.29
C TRP A 590 -9.93 -20.57 4.20
N SER A 591 -10.64 -20.64 3.14
CA SER A 591 -11.64 -21.69 3.00
C SER A 591 -11.08 -22.97 2.39
N ILE A 592 -10.05 -22.88 1.55
CA ILE A 592 -9.50 -24.10 0.96
C ILE A 592 -8.66 -24.85 1.98
N GLY A 593 -8.13 -24.17 2.99
CA GLY A 593 -7.50 -24.85 4.10
C GLY A 593 -8.50 -25.61 4.95
N ALA A 594 -9.70 -25.07 5.11
CA ALA A 594 -10.73 -25.71 5.92
C ALA A 594 -11.41 -26.86 5.20
N PHE A 595 -11.16 -27.03 3.90
CA PHE A 595 -11.73 -28.18 3.19
C PHE A 595 -10.79 -29.37 3.28
N MET A 596 -9.56 -29.22 2.81
CA MET A 596 -8.63 -30.34 2.81
C MET A 596 -7.97 -30.56 4.17
N GLY A 597 -8.19 -29.67 5.13
CA GLY A 597 -7.65 -29.83 6.45
C GLY A 597 -8.34 -30.91 7.26
N PRO A 598 -9.59 -30.67 7.66
CA PRO A 598 -10.30 -31.67 8.49
C PRO A 598 -10.69 -32.94 7.74
N THR A 599 -11.06 -32.83 6.46
CA THR A 599 -11.57 -34.00 5.73
C THR A 599 -10.45 -35.00 5.45
N LEU A 600 -9.30 -34.51 5.00
CA LEU A 600 -8.13 -35.40 4.90
C LEU A 600 -7.53 -35.68 6.27
N GLY A 601 -7.84 -34.83 7.26
CA GLY A 601 -7.38 -35.09 8.62
C GLY A 601 -8.04 -36.32 9.22
N GLY A 602 -9.32 -36.52 8.92
CA GLY A 602 -9.97 -37.75 9.32
C GLY A 602 -9.51 -38.94 8.50
N PHE A 603 -8.98 -38.66 7.27
CA PHE A 603 -8.38 -39.71 6.45
C PHE A 603 -7.04 -40.16 7.03
N LEU A 604 -6.26 -39.22 7.34
CA LEU A 604 -4.92 -39.54 7.81
C LEU A 604 -4.92 -39.99 9.27
N TYR A 605 -6.00 -39.73 10.01
CA TYR A 605 -6.11 -40.27 11.36
C TYR A 605 -6.37 -41.76 11.33
N GLU A 606 -7.00 -42.25 10.27
CA GLU A 606 -7.29 -43.67 10.12
C GLU A 606 -6.03 -44.46 9.84
N LYS A 607 -5.01 -43.82 9.26
CA LYS A 607 -3.85 -44.55 8.74
C LYS A 607 -2.95 -45.04 9.87
N ILE A 608 -2.37 -44.13 10.64
CA ILE A 608 -1.42 -44.50 11.69
C ILE A 608 -1.91 -43.99 13.03
N GLY A 609 -2.05 -42.68 13.16
CA GLY A 609 -2.44 -42.05 14.39
C GLY A 609 -1.73 -40.73 14.56
N PHE A 610 -1.96 -40.10 15.72
CA PHE A 610 -1.50 -38.74 15.97
C PHE A 610 0.00 -38.61 16.09
N GLU A 611 0.73 -39.71 16.30
CA GLU A 611 2.18 -39.64 16.38
C GLU A 611 2.80 -39.35 15.01
N TRP A 612 2.11 -39.70 13.93
CA TRP A 612 2.55 -39.34 12.59
C TRP A 612 1.64 -38.33 11.91
N ALA A 613 0.38 -38.23 12.32
CA ALA A 613 -0.56 -37.33 11.65
C ALA A 613 -0.27 -35.86 11.95
N ALA A 614 0.51 -35.57 12.99
CA ALA A 614 1.02 -34.23 13.20
C ALA A 614 2.32 -33.99 12.45
N ALA A 615 3.12 -35.04 12.25
CA ALA A 615 4.38 -34.90 11.52
C ALA A 615 4.14 -34.70 10.03
N ILE A 616 3.23 -35.47 9.44
CA ILE A 616 2.98 -35.34 8.00
C ILE A 616 2.13 -34.12 7.70
N GLN A 617 1.48 -33.54 8.72
CA GLN A 617 0.74 -32.31 8.51
C GLN A 617 1.69 -31.13 8.44
N GLY A 618 2.81 -31.20 9.15
CA GLY A 618 3.77 -30.12 9.18
C GLY A 618 4.77 -30.13 8.04
N LEU A 619 4.94 -31.27 7.36
CA LEU A 619 5.84 -31.29 6.22
C LEU A 619 5.20 -30.65 5.00
N TRP A 620 4.06 -30.58 5.05
CA TRP A 620 3.40 -29.75 4.05
C TRP A 620 3.50 -28.28 4.41
N ALA A 621 3.55 -27.95 5.59
CA ALA A 621 3.89 -26.59 5.99
C ALA A 621 5.40 -26.35 5.91
N LEU A 622 6.20 -27.41 5.98
CA LEU A 622 7.64 -27.27 5.80
C LEU A 622 7.99 -26.95 4.35
N ILE A 623 7.30 -27.59 3.41
CA ILE A 623 7.51 -27.30 2.01
C ILE A 623 6.83 -25.99 1.61
N SER A 624 5.87 -25.52 2.42
CA SER A 624 5.20 -24.27 2.13
C SER A 624 6.11 -23.08 2.42
N GLY A 625 6.84 -23.12 3.53
CA GLY A 625 7.80 -22.07 3.81
C GLY A 625 9.07 -22.20 2.98
N LEU A 626 9.36 -23.41 2.51
CA LEU A 626 10.55 -23.64 1.71
C LEU A 626 10.38 -23.13 0.29
N ALA A 627 9.15 -23.19 -0.25
CA ALA A 627 8.94 -22.84 -1.65
C ALA A 627 8.95 -21.33 -1.85
N MET A 628 8.13 -20.59 -1.08
CA MET A 628 8.09 -19.14 -1.23
C MET A 628 9.31 -18.48 -0.60
N GLY A 629 9.87 -19.11 0.44
CA GLY A 629 11.04 -18.54 1.10
C GLY A 629 12.27 -18.47 0.21
N LEU A 630 12.41 -19.44 -0.70
CA LEU A 630 13.47 -19.36 -1.70
C LEU A 630 13.05 -18.48 -2.87
N PHE A 631 11.75 -18.20 -3.01
CA PHE A 631 11.31 -17.29 -4.08
C PHE A 631 11.59 -15.84 -3.71
N TYR A 632 11.38 -15.48 -2.44
CA TYR A 632 11.78 -14.16 -1.98
C TYR A 632 13.30 -14.02 -1.92
N LEU A 633 14.01 -15.09 -1.56
CA LEU A 633 15.45 -14.98 -1.34
C LEU A 633 16.22 -14.88 -2.65
N LEU A 634 15.85 -15.64 -3.67
CA LEU A 634 16.64 -15.74 -4.88
C LEU A 634 16.52 -14.50 -5.77
N GLU A 635 15.31 -13.97 -5.94
CA GLU A 635 15.04 -12.96 -6.95
C GLU A 635 14.31 -11.73 -6.40
N TYR A 636 14.75 -11.23 -5.25
CA TYR A 636 14.29 -9.93 -4.76
C TYR A 636 15.14 -8.85 -5.40
N SER A 637 14.50 -7.76 -5.82
CA SER A 637 15.23 -6.66 -6.44
C SER A 637 14.45 -5.37 -6.23
N GLN A 638 15.11 -4.40 -5.61
CA GLN A 638 14.54 -3.08 -5.39
C GLN A 638 15.71 -2.11 -5.20
N VAL A 639 15.58 -0.91 -5.72
CA VAL A 639 16.67 0.05 -5.79
C VAL A 639 16.94 0.62 -4.40
N GLN A 640 18.05 0.20 -3.79
CA GLN A 640 18.45 0.69 -2.48
C GLN A 640 19.91 1.11 -2.52
N LEU A 641 20.22 2.22 -1.86
CA LEU A 641 21.55 2.81 -1.87
C LEU A 641 21.98 3.08 -0.43
N VAL A 642 23.23 2.71 -0.13
CA VAL A 642 23.77 2.77 1.23
C VAL A 642 25.07 3.55 1.22
N GLU A 643 25.22 4.51 2.13
CA GLU A 643 26.45 5.24 2.35
C GLU A 643 27.06 4.81 3.68
N SER A 644 28.39 4.75 3.74
CA SER A 644 29.06 4.35 4.97
C SER A 644 30.49 4.88 4.98
N GLY A 645 30.90 5.44 6.12
CA GLY A 645 32.31 5.76 6.33
C GLY A 645 32.63 7.15 6.84
N GLY A 646 31.62 7.98 7.08
CA GLY A 646 31.86 9.35 7.51
C GLY A 646 32.16 9.42 9.00
N ALA A 647 33.23 10.11 9.35
CA ALA A 647 33.70 10.14 10.73
C ALA A 647 34.39 11.47 10.99
N LEU A 648 35.14 11.54 12.09
CA LEU A 648 35.83 12.75 12.52
C LEU A 648 37.22 12.77 11.92
N VAL A 649 37.44 13.67 10.95
CA VAL A 649 38.72 13.79 10.25
C VAL A 649 39.28 15.18 10.50
N GLN A 650 40.56 15.24 10.84
CA GLN A 650 41.25 16.52 10.96
C GLN A 650 41.41 17.15 9.57
N PRO A 651 41.50 18.48 9.50
CA PRO A 651 41.72 19.13 8.20
C PRO A 651 43.05 18.75 7.57
N GLY A 652 43.07 18.73 6.25
CA GLY A 652 44.25 18.38 5.49
C GLY A 652 44.44 16.89 5.25
N GLY A 653 43.52 16.05 5.72
CA GLY A 653 43.63 14.62 5.54
C GLY A 653 42.97 14.16 4.25
N SER A 654 42.66 12.87 4.22
CA SER A 654 41.99 12.26 3.08
C SER A 654 40.90 11.33 3.60
N LEU A 655 39.89 11.09 2.77
CA LEU A 655 38.77 10.24 3.16
C LEU A 655 38.27 9.48 1.95
N ARG A 656 37.57 8.38 2.20
CA ARG A 656 36.93 7.60 1.14
C ARG A 656 35.52 7.25 1.58
N LEU A 657 34.54 7.53 0.72
CA LEU A 657 33.15 7.27 1.01
C LEU A 657 32.56 6.37 -0.07
N SER A 658 31.84 5.34 0.34
CA SER A 658 31.36 4.30 -0.56
C SER A 658 29.83 4.33 -0.60
N CYS A 659 29.28 4.50 -1.81
CA CYS A 659 27.87 4.29 -2.07
C CYS A 659 27.69 2.94 -2.73
N ALA A 660 26.92 2.07 -2.09
CA ALA A 660 26.65 0.73 -2.57
C ALA A 660 25.21 0.66 -3.03
N ALA A 661 24.99 0.08 -4.21
CA ALA A 661 23.69 0.08 -4.87
C ALA A 661 23.19 -1.34 -5.07
N SER A 662 21.87 -1.50 -4.99
CA SER A 662 21.23 -2.79 -5.23
C SER A 662 19.93 -2.56 -6.00
N GLY A 663 19.66 -3.47 -6.95
CA GLY A 663 18.43 -3.46 -7.72
C GLY A 663 18.63 -3.14 -9.20
N PHE A 664 19.67 -2.37 -9.52
CA PHE A 664 19.91 -1.90 -10.87
C PHE A 664 21.40 -2.06 -11.18
N PRO A 665 21.77 -2.19 -12.46
CA PRO A 665 23.19 -2.15 -12.81
C PRO A 665 23.72 -0.73 -12.88
N VAL A 666 24.93 -0.55 -12.36
CA VAL A 666 25.57 0.76 -12.29
C VAL A 666 26.27 1.10 -13.60
N ASN A 667 26.46 0.12 -14.49
CA ASN A 667 27.28 0.32 -15.68
C ASN A 667 26.62 1.24 -16.70
N ARG A 668 25.29 1.18 -16.83
CA ARG A 668 24.59 1.95 -17.85
C ARG A 668 23.88 3.19 -17.31
N TYR A 669 23.84 3.38 -15.99
CA TYR A 669 23.24 4.57 -15.40
C TYR A 669 24.31 5.40 -14.70
N SER A 670 23.96 6.66 -14.46
CA SER A 670 24.86 7.62 -13.84
C SER A 670 24.60 7.71 -12.33
N MET A 671 25.60 8.24 -11.63
CA MET A 671 25.54 8.42 -10.19
C MET A 671 25.98 9.83 -9.84
N ARG A 672 25.28 10.47 -8.91
CA ARG A 672 25.65 11.81 -8.47
C ARG A 672 25.78 11.84 -6.96
N TRP A 673 26.49 12.86 -6.47
CA TRP A 673 26.70 13.07 -5.05
C TRP A 673 26.14 14.43 -4.64
N TYR A 674 25.58 14.50 -3.44
CA TYR A 674 24.93 15.70 -2.93
C TYR A 674 25.39 15.96 -1.51
N ARG A 675 25.47 17.23 -1.13
CA ARG A 675 25.86 17.63 0.21
C ARG A 675 24.75 18.39 0.89
N GLN A 676 24.74 18.31 2.23
CA GLN A 676 23.76 18.99 3.07
C GLN A 676 24.51 19.55 4.27
N ALA A 677 24.84 20.83 4.21
CA ALA A 677 25.33 21.48 5.41
C ALA A 677 24.18 21.66 6.39
N PRO A 678 24.45 21.61 7.70
CA PRO A 678 23.38 21.79 8.69
C PRO A 678 22.76 23.17 8.63
N GLY A 679 21.46 23.21 8.38
CA GLY A 679 20.73 24.44 8.21
C GLY A 679 20.72 25.00 6.81
N LYS A 680 21.39 24.36 5.86
CA LYS A 680 21.52 24.86 4.50
C LYS A 680 20.78 23.97 3.52
N GLU A 681 20.53 24.52 2.33
CA GLU A 681 19.87 23.78 1.27
C GLU A 681 20.82 22.75 0.67
N ARG A 682 20.26 21.63 0.24
CA ARG A 682 21.05 20.56 -0.38
C ARG A 682 21.66 21.00 -1.70
N GLU A 683 22.93 20.66 -1.88
CA GLU A 683 23.73 21.13 -3.01
C GLU A 683 24.47 19.94 -3.62
N TRP A 684 24.63 19.99 -4.94
CA TRP A 684 25.27 18.93 -5.71
C TRP A 684 26.80 19.02 -5.58
N VAL A 685 27.45 17.85 -5.55
CA VAL A 685 28.89 17.75 -5.35
C VAL A 685 29.61 17.36 -6.64
N ALA A 686 29.31 16.18 -7.17
CA ALA A 686 30.04 15.67 -8.33
C ALA A 686 29.14 14.76 -9.13
N GLY A 687 29.51 14.53 -10.38
CA GLY A 687 28.73 13.69 -11.27
C GLY A 687 29.62 13.00 -12.29
N MET A 688 29.17 11.81 -12.69
CA MET A 688 29.86 11.01 -13.71
C MET A 688 28.86 10.67 -14.80
N SER A 689 29.33 10.66 -16.05
CA SER A 689 28.45 10.36 -17.17
C SER A 689 28.10 8.87 -17.20
N SER A 690 27.12 8.53 -18.05
CA SER A 690 26.68 7.15 -18.17
C SER A 690 27.64 6.28 -18.97
N ALA A 691 28.56 6.89 -19.73
CA ALA A 691 29.55 6.14 -20.48
C ALA A 691 30.86 5.96 -19.73
N GLY A 692 31.01 6.59 -18.56
CA GLY A 692 32.24 6.47 -17.80
C GLY A 692 33.42 7.22 -18.38
N ASP A 693 33.18 8.24 -19.20
CA ASP A 693 34.24 9.01 -19.81
C ASP A 693 34.26 10.47 -19.38
N ARG A 694 33.10 11.08 -19.16
CA ARG A 694 33.00 12.48 -18.78
C ARG A 694 32.59 12.59 -17.32
N SER A 695 33.08 13.63 -16.66
CA SER A 695 32.78 13.86 -15.25
C SER A 695 32.78 15.36 -14.98
N SER A 696 32.13 15.73 -13.88
CA SER A 696 32.07 17.13 -13.48
C SER A 696 32.07 17.23 -11.96
N TYR A 697 32.54 18.36 -11.45
CA TYR A 697 32.67 18.58 -10.03
C TYR A 697 32.09 19.94 -9.70
N GLU A 698 31.86 20.19 -8.40
CA GLU A 698 31.50 21.52 -7.96
C GLU A 698 32.68 22.47 -8.13
N ASP A 699 32.39 23.73 -8.45
CA ASP A 699 33.45 24.68 -8.77
C ASP A 699 34.26 25.06 -7.53
N SER A 700 33.68 24.95 -6.34
CA SER A 700 34.42 25.26 -5.13
C SER A 700 35.42 24.17 -4.78
N VAL A 701 35.08 22.92 -5.07
CA VAL A 701 35.90 21.77 -4.71
C VAL A 701 36.49 21.08 -5.94
N LYS A 702 36.63 21.82 -7.04
CA LYS A 702 37.23 21.27 -8.26
C LYS A 702 38.71 20.95 -8.04
N GLY A 703 39.09 19.73 -8.39
CA GLY A 703 40.47 19.29 -8.31
C GLY A 703 40.88 18.72 -6.97
N ARG A 704 40.02 18.79 -5.95
CA ARG A 704 40.35 18.24 -4.64
C ARG A 704 39.53 17.00 -4.30
N PHE A 705 38.46 16.70 -5.05
CA PHE A 705 37.73 15.46 -4.90
C PHE A 705 37.99 14.58 -6.12
N THR A 706 37.62 13.31 -6.01
CA THR A 706 37.81 12.37 -7.11
C THR A 706 36.68 11.35 -7.08
N ILE A 707 35.98 11.23 -8.20
CA ILE A 707 34.90 10.24 -8.34
C ILE A 707 35.47 9.00 -9.02
N SER A 708 35.00 7.83 -8.59
CA SER A 708 35.45 6.56 -9.15
C SER A 708 34.34 5.54 -8.97
N ARG A 709 34.47 4.41 -9.64
CA ARG A 709 33.47 3.35 -9.49
C ARG A 709 34.09 2.00 -9.79
N ASP A 710 33.40 0.95 -9.34
CA ASP A 710 33.66 -0.42 -9.72
C ASP A 710 32.35 -0.98 -10.28
N ASP A 711 32.33 -1.22 -11.59
CA ASP A 711 31.09 -1.55 -12.28
C ASP A 711 30.64 -2.96 -11.98
N ALA A 712 31.57 -3.92 -12.00
CA ALA A 712 31.20 -5.31 -11.74
C ALA A 712 30.90 -5.53 -10.27
N ARG A 713 31.50 -4.72 -9.40
CA ARG A 713 31.22 -4.78 -7.97
C ARG A 713 29.94 -4.04 -7.60
N ASN A 714 29.38 -3.27 -8.54
CA ASN A 714 28.19 -2.43 -8.36
C ASN A 714 28.38 -1.42 -7.22
N THR A 715 29.51 -0.71 -7.27
CA THR A 715 29.82 0.26 -6.22
C THR A 715 30.34 1.55 -6.85
N VAL A 716 30.11 2.67 -6.16
CA VAL A 716 30.70 3.94 -6.55
C VAL A 716 31.38 4.54 -5.32
N TYR A 717 32.53 5.18 -5.54
CA TYR A 717 33.33 5.74 -4.46
C TYR A 717 33.64 7.21 -4.74
N LEU A 718 33.71 7.99 -3.67
CA LEU A 718 34.15 9.38 -3.72
C LEU A 718 35.31 9.55 -2.76
N GLN A 719 36.43 10.08 -3.26
CA GLN A 719 37.65 10.21 -2.47
C GLN A 719 37.95 11.69 -2.28
N MET A 720 38.26 12.06 -1.04
CA MET A 720 38.38 13.45 -0.61
C MET A 720 39.83 13.73 -0.24
N ASN A 721 40.43 14.71 -0.89
CA ASN A 721 41.79 15.16 -0.61
C ASN A 721 41.75 16.59 -0.09
N SER A 722 42.57 16.87 0.94
CA SER A 722 42.75 18.19 1.56
C SER A 722 41.42 18.74 2.08
N LEU A 723 40.89 18.04 3.08
CA LEU A 723 39.62 18.40 3.68
C LEU A 723 39.73 19.70 4.46
N LYS A 724 38.63 20.44 4.48
CA LYS A 724 38.50 21.74 5.13
C LYS A 724 37.26 21.70 6.00
N PRO A 725 37.14 22.60 6.99
CA PRO A 725 35.92 22.64 7.80
C PRO A 725 34.67 23.04 7.02
N GLU A 726 34.82 23.65 5.84
CA GLU A 726 33.67 23.99 5.00
C GLU A 726 32.96 22.73 4.47
N ASP A 727 33.67 21.61 4.37
CA ASP A 727 33.10 20.39 3.80
C ASP A 727 32.38 19.52 4.82
N THR A 728 32.19 20.00 6.05
CA THR A 728 31.41 19.27 7.04
C THR A 728 29.94 19.26 6.63
N ALA A 729 29.42 18.09 6.27
CA ALA A 729 28.08 18.00 5.70
C ALA A 729 27.62 16.55 5.74
N VAL A 730 26.33 16.35 5.42
CA VAL A 730 25.76 15.03 5.22
C VAL A 730 25.71 14.77 3.71
N TYR A 731 26.27 13.64 3.29
CA TYR A 731 26.42 13.33 1.88
C TYR A 731 25.41 12.26 1.46
N TYR A 732 24.80 12.47 0.29
CA TYR A 732 23.81 11.56 -0.26
C TYR A 732 24.20 11.19 -1.69
N CYS A 733 23.61 10.11 -2.18
CA CYS A 733 23.97 9.47 -3.44
C CYS A 733 22.70 9.33 -4.27
N ASN A 734 22.71 9.90 -5.48
CA ASN A 734 21.52 10.08 -6.28
C ASN A 734 21.60 9.30 -7.59
N VAL A 735 20.48 8.66 -7.94
CA VAL A 735 20.37 7.88 -9.17
C VAL A 735 19.00 8.15 -9.79
N ASN A 736 18.94 8.16 -11.12
CA ASN A 736 17.69 8.28 -11.86
C ASN A 736 17.51 7.00 -12.67
N VAL A 737 16.55 6.17 -12.27
CA VAL A 737 16.15 4.98 -13.01
C VAL A 737 15.01 5.29 -13.97
N GLY A 738 14.26 6.36 -13.71
CA GLY A 738 12.99 6.66 -14.35
C GLY A 738 12.12 7.25 -13.27
N PHE A 739 12.45 6.88 -12.03
CA PHE A 739 11.99 7.58 -10.83
C PHE A 739 13.24 7.87 -10.02
N GLU A 740 13.25 9.00 -9.32
CA GLU A 740 14.46 9.44 -8.62
C GLU A 740 14.65 8.65 -7.34
N TYR A 741 15.88 8.23 -7.05
CA TYR A 741 16.19 7.59 -5.79
C TYR A 741 17.44 8.19 -5.16
N TRP A 742 17.37 8.37 -3.85
CA TRP A 742 18.46 8.84 -3.02
C TRP A 742 18.82 7.80 -1.96
N GLY A 743 20.06 7.86 -1.50
CA GLY A 743 20.53 6.99 -0.44
C GLY A 743 20.21 7.56 0.92
N GLN A 744 20.74 6.89 1.95
CA GLN A 744 20.47 7.29 3.32
C GLN A 744 21.26 8.54 3.72
N GLY A 745 22.49 8.65 3.25
CA GLY A 745 23.34 9.78 3.60
C GLY A 745 24.14 9.55 4.86
N THR A 746 25.37 10.05 4.86
CA THR A 746 26.25 9.89 6.01
C THR A 746 26.90 11.22 6.36
N GLN A 747 27.23 11.39 7.63
CA GLN A 747 27.69 12.67 8.13
C GLN A 747 29.22 12.68 8.17
N VAL A 748 29.82 13.75 7.65
CA VAL A 748 31.25 13.97 7.70
C VAL A 748 31.50 15.27 8.45
N THR A 749 32.27 15.19 9.53
CA THR A 749 32.60 16.33 10.36
C THR A 749 34.09 16.59 10.29
N VAL A 750 34.46 17.83 9.98
CA VAL A 750 35.86 18.25 9.94
C VAL A 750 36.07 19.23 11.09
N SER A 751 36.96 18.87 12.01
CA SER A 751 37.23 19.72 13.17
C SER A 751 38.68 19.55 13.64
N1 SPD B . -10.27 -18.23 12.05
C2 SPD B . -11.13 -17.16 12.53
C3 SPD B . -12.40 -17.08 11.68
C4 SPD B . -12.88 -18.45 11.19
C5 SPD B . -14.00 -19.02 12.04
N6 SPD B . -13.52 -19.34 13.37
C7 SPD B . -12.58 -20.45 13.29
C8 SPD B . -12.75 -21.38 14.49
C9 SPD B . -13.82 -22.44 14.26
N10 SPD B . -13.71 -23.49 15.25
#